data_5CQZ
#
_entry.id   5CQZ
#
_cell.length_a   143.890
_cell.length_b   121.980
_cell.length_c   90.150
_cell.angle_alpha   90.00
_cell.angle_beta   114.29
_cell.angle_gamma   90.00
#
_symmetry.space_group_name_H-M   'C 1 2 1'
#
loop_
_entity.id
_entity.type
_entity.pdbx_description
1 polymer "Cytosolic purine 5'-nucleotidase"
2 non-polymer GLYCEROL
3 non-polymer 'SULFATE ION'
4 non-polymer 'MAGNESIUM ION'
5 non-polymer 1-(biphenyl-3-yl)-1H-imidazole
6 water water
#
_entity_poly.entity_id   1
_entity_poly.type   'polypeptide(L)'
_entity_poly.pdbx_seq_one_letter_code
;MGSSHHHHHHSSGLVPRGSMSTSWSDRLQNAADMPANMDKHALKKYRREAYHRVFVNRSLAMEKIKCFGFDMDYTLAVYK
SPEYESLGFELTVERLVSIGYPQELLSFAYDSTFPTRGLVFDTLYGNLLKVDAYGNLLVCAHGFNFIRGPETREQYPNKF
IQRDDTERFYILNTLFNLPETYLLACLVDFFTNCPRYTSCETGFKDGDLFMSYRSMFQDVRDAVDWVHYKGSLKEKTVEN
LEKYVVKDGKLPLLLSRMKEVGKVFLATNSDYKYTDKIMTYLFDFPHGPKPGSSHRPWQSYFDLILVDARKPLFFGEGTV
LRQVDTKTGKLKIGTYTGPLQHGIVYSGGSSDTICDLLGAKGKDILYIGDHIFGDILKSKKRQGWRTFLVIPELAQELHV
WTDKSSLFEELQSLDIFLAELYKHLDSSSNERPDISSIQRRIKKVTHDMDMCYGMMGSLFRSGSRQTLFASQVMRYADLY
AASFINLLYYPFSYLFRAAHVLMPHESTVEHTHVDINEMESPLATRNRTSVDFKDTDYKRHQLTRSISEIKPPNL
;
_entity_poly.pdbx_strand_id   A,B
#
loop_
_chem_comp.id
_chem_comp.type
_chem_comp.name
_chem_comp.formula
53O non-polymer 1-(biphenyl-3-yl)-1H-imidazole 'C15 H12 N2'
GOL non-polymer GLYCEROL 'C3 H8 O3'
MG non-polymer 'MAGNESIUM ION' 'Mg 2'
SO4 non-polymer 'SULFATE ION' 'O4 S -2'
#
# COMPACT_ATOMS: atom_id res chain seq x y z
N LYS A 45 -16.39 1.07 23.23
CA LYS A 45 -15.00 1.53 23.18
C LYS A 45 -14.94 3.03 23.40
N TYR A 46 -14.30 3.45 24.49
CA TYR A 46 -14.21 4.89 24.72
C TYR A 46 -13.31 5.54 23.69
N ARG A 47 -13.87 6.55 23.02
CA ARG A 47 -13.10 7.32 22.09
C ARG A 47 -13.28 8.84 22.26
N ARG A 48 -12.15 9.49 22.47
CA ARG A 48 -12.07 10.95 22.48
CA ARG A 48 -11.94 10.93 22.39
C ARG A 48 -12.78 11.54 21.26
N GLU A 49 -13.12 12.84 21.29
CA GLU A 49 -13.96 13.29 20.19
C GLU A 49 -13.06 13.62 18.99
N ALA A 50 -13.66 13.49 17.79
CA ALA A 50 -12.98 13.44 16.49
C ALA A 50 -11.92 14.52 16.24
N TYR A 51 -12.24 15.76 16.58
CA TYR A 51 -11.33 16.88 16.35
C TYR A 51 -10.13 16.87 17.29
N HIS A 52 -10.24 16.08 18.35
CA HIS A 52 -9.17 16.01 19.34
C HIS A 52 -8.34 14.73 19.18
N ARG A 53 -8.62 13.93 18.15
CA ARG A 53 -8.06 12.60 18.16
C ARG A 53 -6.72 12.46 17.47
N VAL A 54 -5.88 11.63 18.05
CA VAL A 54 -4.70 11.20 17.34
C VAL A 54 -5.01 9.82 16.73
N PHE A 55 -4.69 9.65 15.46
CA PHE A 55 -4.96 8.39 14.77
C PHE A 55 -3.68 7.57 14.59
N VAL A 56 -3.83 6.26 14.65
CA VAL A 56 -2.70 5.35 14.77
C VAL A 56 -2.62 4.32 13.63
N ASN A 57 -1.50 4.33 12.91
CA ASN A 57 -1.23 3.33 11.89
C ASN A 57 -0.44 2.17 12.46
N ARG A 58 0.57 2.51 13.25
CA ARG A 58 1.40 1.52 13.91
C ARG A 58 1.43 1.83 15.40
N SER A 59 1.25 0.81 16.24
CA SER A 59 1.14 1.03 17.67
C SER A 59 2.35 1.70 18.23
N LEU A 60 2.12 2.53 19.24
CA LEU A 60 3.21 3.25 19.89
C LEU A 60 2.96 3.41 21.37
N ALA A 61 3.94 2.99 22.16
CA ALA A 61 3.92 3.16 23.60
C ALA A 61 4.60 4.48 24.02
N MET A 62 3.78 5.46 24.35
CA MET A 62 4.26 6.80 24.67
C MET A 62 5.18 6.90 25.88
N GLU A 63 4.93 6.08 26.89
CA GLU A 63 5.79 5.99 28.07
C GLU A 63 7.25 5.83 27.69
N LYS A 64 7.51 5.13 26.58
CA LYS A 64 8.90 4.86 26.16
C LYS A 64 9.47 5.95 25.26
N ILE A 65 8.78 7.08 25.16
CA ILE A 65 9.26 8.19 24.34
C ILE A 65 10.10 9.11 25.22
N LYS A 66 11.35 9.34 24.80
CA LYS A 66 12.29 10.14 25.58
C LYS A 66 12.46 11.54 24.99
N CYS A 67 12.29 11.68 23.68
CA CYS A 67 12.36 12.99 23.07
C CYS A 67 11.22 13.30 22.12
N PHE A 68 10.81 14.56 22.14
CA PHE A 68 9.88 15.08 21.17
C PHE A 68 10.65 16.05 20.29
N GLY A 69 10.69 15.75 19.00
CA GLY A 69 11.30 16.64 18.02
C GLY A 69 10.26 17.33 17.15
N PHE A 70 10.55 18.57 16.80
CA PHE A 70 9.59 19.38 16.10
C PHE A 70 10.11 20.02 14.85
N ASP A 71 9.30 19.88 13.81
CA ASP A 71 9.36 20.69 12.59
C ASP A 71 8.69 22.06 12.87
N MET A 72 9.16 23.14 12.25
CA MET A 72 8.54 24.46 12.44
C MET A 72 7.47 24.77 11.39
N ASP A 73 7.89 24.96 10.14
CA ASP A 73 6.98 25.36 9.05
C ASP A 73 5.86 24.36 8.83
N TYR A 74 4.63 24.82 9.03
CA TYR A 74 3.40 24.05 8.86
C TYR A 74 3.21 22.98 9.94
N THR A 75 4.08 22.99 10.94
CA THR A 75 3.90 22.14 12.10
C THR A 75 3.63 23.02 13.32
N LEU A 76 4.70 23.55 13.92
CA LEU A 76 4.56 24.50 15.02
C LEU A 76 3.90 25.77 14.51
N ALA A 77 4.32 26.21 13.33
CA ALA A 77 3.79 27.40 12.68
C ALA A 77 2.81 27.06 11.54
N VAL A 78 1.53 27.02 11.86
CA VAL A 78 0.54 26.71 10.85
C VAL A 78 0.18 27.97 10.07
N TYR A 79 0.40 27.98 8.77
CA TYR A 79 0.05 29.15 7.99
C TYR A 79 -1.43 29.18 7.63
N LYS A 80 -2.04 30.35 7.78
CA LYS A 80 -3.48 30.51 7.54
C LYS A 80 -3.90 30.28 6.09
N SER A 81 -4.98 29.53 5.93
CA SER A 81 -5.57 29.28 4.63
C SER A 81 -6.90 30.05 4.43
N PRO A 82 -7.10 30.60 3.23
CA PRO A 82 -6.28 30.49 2.02
C PRO A 82 -5.26 31.63 1.89
N GLU A 83 -5.12 32.41 2.96
CA GLU A 83 -4.31 33.62 2.96
C GLU A 83 -2.89 33.35 2.47
N TYR A 84 -2.20 32.41 3.11
CA TYR A 84 -0.82 32.08 2.81
C TYR A 84 -0.61 31.48 1.42
N GLU A 85 -1.43 30.50 1.04
CA GLU A 85 -1.41 29.96 -0.32
C GLU A 85 -1.51 31.05 -1.36
N SER A 86 -2.46 31.96 -1.17
CA SER A 86 -2.71 33.07 -2.10
C SER A 86 -1.48 33.93 -2.25
N LEU A 87 -0.83 34.19 -1.12
CA LEU A 87 0.37 35.02 -1.10
C LEU A 87 1.47 34.40 -1.94
N GLY A 88 1.71 33.11 -1.75
CA GLY A 88 2.66 32.40 -2.58
C GLY A 88 2.28 32.43 -4.05
N PHE A 89 1.01 32.13 -4.32
CA PHE A 89 0.47 32.15 -5.68
C PHE A 89 0.72 33.52 -6.32
N GLU A 90 0.45 34.61 -5.60
CA GLU A 90 0.71 35.95 -6.14
C GLU A 90 2.20 36.20 -6.44
N LEU A 91 3.07 35.90 -5.47
CA LEU A 91 4.49 36.17 -5.66
C LEU A 91 5.08 35.31 -6.78
N THR A 92 4.53 34.12 -6.94
CA THR A 92 5.04 33.25 -7.98
C THR A 92 4.66 33.76 -9.36
N VAL A 93 3.38 34.03 -9.58
CA VAL A 93 2.88 34.69 -10.78
C VAL A 93 3.67 35.97 -11.14
N GLU A 94 3.87 36.84 -10.15
CA GLU A 94 4.63 38.06 -10.39
C GLU A 94 6.05 37.78 -10.78
N ARG A 95 6.60 36.70 -10.25
CA ARG A 95 7.95 36.31 -10.63
C ARG A 95 7.94 35.80 -12.08
N LEU A 96 6.95 34.99 -12.43
CA LEU A 96 6.88 34.47 -13.79
C LEU A 96 6.75 35.58 -14.84
N VAL A 97 5.86 36.53 -14.61
CA VAL A 97 5.60 37.60 -15.58
C VAL A 97 6.83 38.47 -15.77
N SER A 98 7.51 38.75 -14.66
CA SER A 98 8.68 39.60 -14.69
C SER A 98 9.77 38.96 -15.53
N ILE A 99 9.84 37.63 -15.56
CA ILE A 99 10.83 36.96 -16.40
C ILE A 99 10.24 36.57 -17.73
N GLY A 100 9.09 37.13 -18.09
CA GLY A 100 8.62 37.03 -19.46
C GLY A 100 7.30 36.35 -19.81
N TYR A 101 6.56 35.86 -18.80
CA TYR A 101 5.26 35.24 -19.06
C TYR A 101 4.23 36.31 -19.39
N PRO A 102 3.18 35.94 -20.15
CA PRO A 102 2.13 36.89 -20.53
C PRO A 102 1.55 37.64 -19.32
N GLN A 103 1.02 38.83 -19.58
CA GLN A 103 0.58 39.67 -18.49
C GLN A 103 -0.82 39.34 -18.02
N GLU A 104 -1.54 38.54 -18.81
CA GLU A 104 -2.86 38.09 -18.37
C GLU A 104 -2.74 37.33 -17.09
N LEU A 105 -1.57 36.71 -16.87
CA LEU A 105 -1.32 35.99 -15.63
C LEU A 105 -1.56 36.86 -14.41
N LEU A 106 -1.24 38.16 -14.53
CA LEU A 106 -1.34 39.12 -13.43
C LEU A 106 -2.75 39.25 -12.89
N SER A 107 -3.71 38.70 -13.63
CA SER A 107 -5.09 38.76 -13.18
C SER A 107 -5.66 37.41 -12.68
N PHE A 108 -4.83 36.39 -12.54
CA PHE A 108 -5.27 35.15 -11.92
C PHE A 108 -5.50 35.38 -10.43
N ALA A 109 -6.43 34.63 -9.85
CA ALA A 109 -6.65 34.67 -8.41
C ALA A 109 -6.67 33.26 -7.82
N TYR A 110 -5.79 33.00 -6.85
CA TYR A 110 -5.71 31.68 -6.25
C TYR A 110 -7.09 31.28 -5.81
N ASP A 111 -7.52 30.10 -6.23
CA ASP A 111 -8.85 29.59 -5.88
C ASP A 111 -8.68 28.37 -5.02
N SER A 112 -8.95 28.49 -3.72
CA SER A 112 -8.64 27.41 -2.77
C SER A 112 -9.50 26.15 -2.89
N THR A 113 -10.54 26.21 -3.72
CA THR A 113 -11.46 25.08 -3.82
C THR A 113 -11.10 24.13 -4.98
N PHE A 114 -10.06 24.46 -5.73
CA PHE A 114 -9.57 23.58 -6.80
C PHE A 114 -8.56 22.52 -6.30
N PRO A 115 -7.40 22.94 -5.75
CA PRO A 115 -6.38 21.90 -5.55
C PRO A 115 -6.64 20.95 -4.37
N THR A 116 -6.20 19.71 -4.48
CA THR A 116 -5.97 18.90 -3.29
C THR A 116 -4.52 18.50 -3.27
N ARG A 117 -4.06 18.16 -2.09
CA ARG A 117 -2.67 17.82 -1.97
C ARG A 117 -2.43 16.43 -2.56
N GLY A 118 -1.20 16.20 -3.03
CA GLY A 118 -0.81 14.89 -3.51
C GLY A 118 -1.13 14.55 -4.96
N LEU A 119 -1.49 15.54 -5.75
CA LEU A 119 -1.77 15.32 -7.15
C LEU A 119 -0.44 15.12 -7.89
N VAL A 120 -0.52 14.51 -9.07
CA VAL A 120 0.63 14.20 -9.88
C VAL A 120 0.60 14.99 -11.18
N PHE A 121 1.67 15.73 -11.46
CA PHE A 121 1.72 16.42 -12.74
C PHE A 121 2.46 15.59 -13.78
N ASP A 122 1.79 15.39 -14.90
CA ASP A 122 2.37 14.75 -16.06
C ASP A 122 2.99 15.82 -16.96
N THR A 123 4.30 15.94 -16.92
CA THR A 123 4.97 17.00 -17.66
C THR A 123 4.96 16.73 -19.13
N LEU A 124 4.60 15.51 -19.53
CA LEU A 124 4.56 15.21 -20.97
C LEU A 124 3.25 15.70 -21.57
N TYR A 125 2.13 15.45 -20.89
CA TYR A 125 0.84 15.78 -21.46
C TYR A 125 0.19 16.97 -20.78
N GLY A 126 0.84 17.47 -19.72
CA GLY A 126 0.38 18.63 -19.01
C GLY A 126 -0.87 18.35 -18.19
N ASN A 127 -0.99 17.15 -17.63
CA ASN A 127 -2.18 16.85 -16.83
C ASN A 127 -1.92 16.85 -15.34
N LEU A 128 -2.95 17.24 -14.59
CA LEU A 128 -2.99 17.00 -13.15
C LEU A 128 -3.76 15.71 -12.92
N LEU A 129 -3.11 14.78 -12.24
CA LEU A 129 -3.67 13.47 -12.04
C LEU A 129 -3.86 13.16 -10.57
N LYS A 130 -5.07 12.72 -10.22
CA LYS A 130 -5.31 12.08 -8.93
C LYS A 130 -5.24 10.57 -9.09
N VAL A 131 -4.26 9.92 -8.45
CA VAL A 131 -4.15 8.47 -8.61
C VAL A 131 -4.25 7.68 -7.31
N ASP A 132 -4.39 6.37 -7.46
CA ASP A 132 -4.57 5.55 -6.29
C ASP A 132 -3.19 5.04 -5.90
N ALA A 133 -3.12 4.32 -4.78
CA ALA A 133 -1.90 3.70 -4.26
C ALA A 133 -1.05 2.96 -5.31
N TYR A 134 -1.67 2.47 -6.36
CA TYR A 134 -0.95 1.62 -7.29
C TYR A 134 -0.68 2.30 -8.64
N GLY A 135 -1.28 3.46 -8.88
CA GLY A 135 -0.99 4.20 -10.11
C GLY A 135 -2.19 4.37 -11.03
N ASN A 136 -3.34 3.87 -10.60
CA ASN A 136 -4.54 4.01 -11.37
C ASN A 136 -5.09 5.44 -11.34
N LEU A 137 -5.44 5.97 -12.50
CA LEU A 137 -6.02 7.29 -12.58
C LEU A 137 -7.36 7.28 -11.86
N LEU A 138 -7.62 8.35 -11.10
CA LEU A 138 -8.90 8.59 -10.49
C LEU A 138 -9.48 9.83 -11.12
N VAL A 139 -8.65 10.86 -11.21
CA VAL A 139 -9.07 12.12 -11.81
C VAL A 139 -8.00 12.58 -12.75
N CYS A 140 -8.38 13.14 -13.88
CA CYS A 140 -7.40 13.62 -14.84
C CYS A 140 -7.83 14.96 -15.44
N ALA A 141 -7.24 16.05 -14.98
CA ALA A 141 -7.70 17.35 -15.42
C ALA A 141 -6.64 18.02 -16.26
N HIS A 142 -7.02 18.41 -17.46
CA HIS A 142 -6.15 19.20 -18.34
C HIS A 142 -6.70 20.61 -18.30
N GLY A 143 -5.90 21.54 -17.78
CA GLY A 143 -6.40 22.86 -17.41
C GLY A 143 -7.58 22.63 -16.49
N PHE A 144 -8.74 23.20 -16.83
CA PHE A 144 -9.91 23.07 -15.96
C PHE A 144 -10.90 22.16 -16.61
N ASN A 145 -10.38 21.33 -17.50
CA ASN A 145 -11.15 20.32 -18.20
C ASN A 145 -10.89 18.92 -17.64
N PHE A 146 -11.89 18.34 -17.00
CA PHE A 146 -11.72 17.01 -16.42
C PHE A 146 -11.99 15.95 -17.48
N ILE A 147 -10.94 15.31 -17.98
CA ILE A 147 -11.02 14.51 -19.21
C ILE A 147 -11.90 13.28 -19.06
N ARG A 148 -11.75 12.53 -17.95
CA ARG A 148 -12.76 11.51 -17.55
C ARG A 148 -13.12 10.33 -18.49
N GLY A 149 -13.43 9.18 -17.90
CA GLY A 149 -13.97 8.07 -18.64
C GLY A 149 -13.09 7.52 -19.73
N PRO A 150 -13.73 7.01 -20.79
CA PRO A 150 -13.06 6.42 -21.96
C PRO A 150 -12.03 7.30 -22.67
N GLU A 151 -12.18 8.63 -22.67
CA GLU A 151 -11.26 9.46 -23.47
C GLU A 151 -9.88 9.53 -22.79
N THR A 152 -9.77 8.89 -21.64
CA THR A 152 -8.52 8.83 -20.90
C THR A 152 -7.51 7.87 -21.51
N ARG A 153 -8.02 6.80 -22.10
CA ARG A 153 -7.18 5.69 -22.54
C ARG A 153 -6.41 6.03 -23.79
N GLU A 154 -6.72 7.17 -24.42
CA GLU A 154 -5.96 7.54 -25.60
C GLU A 154 -4.62 8.10 -25.21
N GLN A 155 -4.55 8.63 -23.99
CA GLN A 155 -3.28 9.13 -23.43
C GLN A 155 -2.78 8.19 -22.34
N TYR A 156 -3.70 7.61 -21.58
CA TYR A 156 -3.32 6.61 -20.58
C TYR A 156 -3.99 5.29 -20.90
N PRO A 157 -3.36 4.49 -21.78
CA PRO A 157 -3.84 3.11 -21.94
C PRO A 157 -3.78 2.45 -20.58
N ASN A 158 -4.79 1.63 -20.33
CA ASN A 158 -4.99 1.02 -19.01
C ASN A 158 -5.19 1.98 -17.86
N LYS A 159 -5.47 3.26 -18.14
CA LYS A 159 -5.82 4.26 -17.12
C LYS A 159 -4.82 4.23 -15.97
N PHE A 160 -3.55 4.16 -16.32
CA PHE A 160 -2.51 3.78 -15.39
C PHE A 160 -1.25 4.57 -15.67
N ILE A 161 -0.56 5.00 -14.62
CA ILE A 161 0.73 5.63 -14.84
C ILE A 161 1.77 4.87 -14.07
N GLN A 162 2.98 4.86 -14.61
CA GLN A 162 4.07 4.17 -13.97
C GLN A 162 4.71 5.25 -13.07
N ARG A 163 4.23 5.29 -11.83
CA ARG A 163 4.65 6.28 -10.85
C ARG A 163 6.17 6.42 -10.67
N ASP A 164 6.92 5.34 -10.87
CA ASP A 164 8.38 5.32 -10.72
C ASP A 164 9.13 6.26 -11.63
N ASP A 165 8.49 6.72 -12.70
CA ASP A 165 9.16 7.51 -13.74
C ASP A 165 9.34 8.96 -13.33
N THR A 166 10.15 9.17 -12.30
CA THR A 166 10.40 10.48 -11.69
C THR A 166 11.06 11.52 -12.61
N GLU A 167 10.73 11.40 -13.89
CA GLU A 167 11.28 12.18 -14.96
C GLU A 167 10.11 12.77 -15.73
N ARG A 168 9.02 12.01 -15.70
CA ARG A 168 7.82 12.37 -16.37
C ARG A 168 6.81 12.94 -15.35
N PHE A 169 6.66 12.25 -14.23
CA PHE A 169 5.62 12.57 -13.25
C PHE A 169 6.18 13.22 -12.01
N TYR A 170 5.49 14.22 -11.49
CA TYR A 170 5.98 14.89 -10.31
C TYR A 170 4.88 15.01 -9.28
N ILE A 171 5.11 14.36 -8.14
CA ILE A 171 4.15 14.33 -7.07
C ILE A 171 4.15 15.64 -6.30
N LEU A 172 2.98 16.27 -6.18
CA LEU A 172 2.89 17.50 -5.39
C LEU A 172 2.41 17.21 -3.97
N ASN A 173 3.36 16.86 -3.12
CA ASN A 173 3.07 16.38 -1.77
C ASN A 173 2.91 17.45 -0.72
N THR A 174 3.80 18.44 -0.76
CA THR A 174 3.93 19.35 0.35
C THR A 174 2.85 20.42 0.29
N LEU A 175 2.50 20.97 1.46
CA LEU A 175 1.54 22.07 1.54
C LEU A 175 2.06 23.34 0.86
N PHE A 176 3.33 23.39 0.52
CA PHE A 176 3.86 24.50 -0.25
C PHE A 176 3.54 24.31 -1.73
N ASN A 177 3.19 23.09 -2.13
CA ASN A 177 2.86 22.86 -3.54
C ASN A 177 1.42 23.17 -3.90
N LEU A 178 0.65 23.64 -2.93
CA LEU A 178 -0.73 24.01 -3.21
C LEU A 178 -0.81 25.17 -4.21
N PRO A 179 -0.13 26.29 -3.94
CA PRO A 179 -0.14 27.35 -4.94
C PRO A 179 0.25 26.86 -6.32
N GLU A 180 1.36 26.16 -6.47
CA GLU A 180 1.76 25.79 -7.83
C GLU A 180 0.84 24.74 -8.44
N THR A 181 0.08 24.05 -7.60
CA THR A 181 -0.86 23.06 -8.13
C THR A 181 -1.98 23.72 -8.91
N TYR A 182 -2.61 24.68 -8.27
CA TYR A 182 -3.62 25.48 -8.92
C TYR A 182 -3.00 26.28 -10.07
N LEU A 183 -1.82 26.85 -9.87
CA LEU A 183 -1.23 27.67 -10.89
C LEU A 183 -1.00 26.84 -12.14
N LEU A 184 -0.52 25.61 -12.00
CA LEU A 184 -0.23 24.82 -13.20
C LEU A 184 -1.49 24.60 -14.04
N ALA A 185 -2.60 24.28 -13.38
CA ALA A 185 -3.85 24.08 -14.06
C ALA A 185 -4.31 25.38 -14.70
N CYS A 186 -3.91 26.51 -14.13
CA CYS A 186 -4.25 27.81 -14.71
C CYS A 186 -3.53 28.05 -16.01
N LEU A 187 -2.22 27.85 -16.01
CA LEU A 187 -1.40 28.15 -17.18
C LEU A 187 -1.80 27.28 -18.34
N VAL A 188 -2.06 26.01 -18.03
CA VAL A 188 -2.39 25.08 -19.08
C VAL A 188 -3.69 25.55 -19.68
N ASP A 189 -4.61 25.94 -18.81
CA ASP A 189 -5.89 26.43 -19.26
C ASP A 189 -5.80 27.72 -20.07
N PHE A 190 -4.95 28.65 -19.62
CA PHE A 190 -4.75 29.92 -20.29
C PHE A 190 -4.21 29.72 -21.68
N PHE A 191 -3.08 29.02 -21.78
CA PHE A 191 -2.42 28.79 -23.05
C PHE A 191 -3.28 28.00 -24.03
N THR A 192 -4.01 27.02 -23.52
CA THR A 192 -4.93 26.27 -24.37
C THR A 192 -5.94 27.17 -25.08
N ASN A 193 -6.56 28.08 -24.35
CA ASN A 193 -7.67 28.85 -24.91
C ASN A 193 -7.25 30.22 -25.43
N CYS A 194 -5.94 30.46 -25.51
CA CYS A 194 -5.45 31.72 -26.03
C CYS A 194 -5.06 31.59 -27.50
N PRO A 195 -5.56 32.51 -28.31
CA PRO A 195 -5.42 32.38 -29.76
C PRO A 195 -4.01 32.63 -30.29
N ARG A 196 -3.15 33.32 -29.55
CA ARG A 196 -1.79 33.52 -30.05
C ARG A 196 -0.95 32.25 -29.93
N TYR A 197 -1.48 31.21 -29.30
CA TYR A 197 -0.71 29.98 -29.08
C TYR A 197 -1.42 28.74 -29.61
N THR A 198 -0.64 27.86 -30.25
CA THR A 198 -1.12 26.61 -30.83
C THR A 198 -0.97 25.38 -29.94
N SER A 199 -2.09 24.75 -29.60
CA SER A 199 -2.03 23.63 -28.68
C SER A 199 -1.50 22.36 -29.36
N CYS A 200 -0.54 21.72 -28.72
CA CYS A 200 0.05 20.48 -29.20
C CYS A 200 -0.02 19.44 -28.13
N GLU A 201 0.31 18.20 -28.51
CA GLU A 201 0.26 17.06 -27.60
C GLU A 201 1.10 17.30 -26.35
N THR A 202 2.26 17.90 -26.52
CA THR A 202 3.17 18.06 -25.39
C THR A 202 3.54 19.51 -25.04
N GLY A 203 2.79 20.50 -25.52
CA GLY A 203 3.16 21.86 -25.22
C GLY A 203 2.44 22.81 -26.14
N PHE A 204 3.05 23.97 -26.41
CA PHE A 204 2.42 25.01 -27.24
C PHE A 204 3.42 25.66 -28.19
N LYS A 205 2.95 26.11 -29.34
CA LYS A 205 3.85 26.83 -30.22
C LYS A 205 3.46 28.29 -30.25
N ASP A 206 4.48 29.12 -30.40
CA ASP A 206 4.37 30.53 -30.73
C ASP A 206 5.50 30.78 -31.71
N GLY A 207 5.18 31.12 -32.94
CA GLY A 207 6.20 31.32 -33.96
C GLY A 207 6.89 30.02 -34.27
N ASP A 208 8.21 29.96 -34.06
CA ASP A 208 8.90 28.68 -34.24
C ASP A 208 9.63 28.35 -32.95
N LEU A 209 9.09 28.95 -31.90
CA LEU A 209 9.39 28.61 -30.51
C LEU A 209 8.38 27.60 -29.98
N PHE A 210 8.88 26.60 -29.27
CA PHE A 210 7.99 25.64 -28.66
C PHE A 210 8.22 25.66 -27.15
N MET A 211 7.15 25.60 -26.38
CA MET A 211 7.26 25.56 -24.92
C MET A 211 6.57 24.29 -24.50
N SER A 212 7.36 23.30 -24.13
CA SER A 212 6.83 22.02 -23.67
C SER A 212 6.20 22.19 -22.28
N TYR A 213 5.23 21.34 -21.95
CA TYR A 213 4.69 21.34 -20.61
C TYR A 213 5.80 21.11 -19.60
N ARG A 214 6.78 20.28 -19.96
CA ARG A 214 7.93 20.05 -19.10
C ARG A 214 8.69 21.32 -18.76
N SER A 215 8.95 22.16 -19.78
CA SER A 215 9.68 23.43 -19.59
C SER A 215 8.88 24.43 -18.77
N MET A 216 7.58 24.50 -19.04
CA MET A 216 6.74 25.45 -18.34
C MET A 216 6.76 25.11 -16.85
N PHE A 217 6.58 23.83 -16.56
CA PHE A 217 6.55 23.31 -15.19
C PHE A 217 7.87 23.62 -14.50
N GLN A 218 8.97 23.50 -15.24
CA GLN A 218 10.27 23.84 -14.68
C GLN A 218 10.34 25.33 -14.29
N ASP A 219 9.79 26.19 -15.14
CA ASP A 219 9.70 27.60 -14.86
C ASP A 219 8.94 27.80 -13.58
N VAL A 220 7.88 27.03 -13.42
CA VAL A 220 6.99 27.20 -12.30
C VAL A 220 7.68 26.71 -11.04
N ARG A 221 8.31 25.56 -11.18
CA ARG A 221 9.07 24.94 -10.12
C ARG A 221 10.15 25.91 -9.67
N ASP A 222 10.86 26.48 -10.64
CA ASP A 222 11.91 27.42 -10.34
C ASP A 222 11.39 28.71 -9.75
N ALA A 223 10.22 29.15 -10.20
CA ALA A 223 9.62 30.39 -9.66
C ALA A 223 9.26 30.31 -8.18
N VAL A 224 8.54 29.25 -7.78
CA VAL A 224 8.25 29.01 -6.37
C VAL A 224 9.53 28.99 -5.53
N ASP A 225 10.52 28.25 -5.98
CA ASP A 225 11.76 28.16 -5.25
C ASP A 225 12.34 29.54 -4.99
N TRP A 226 12.44 30.32 -6.06
CA TRP A 226 12.99 31.66 -6.02
C TRP A 226 12.23 32.48 -5.02
N VAL A 227 10.91 32.38 -5.07
CA VAL A 227 10.05 33.12 -4.17
C VAL A 227 10.35 32.76 -2.72
N HIS A 228 10.56 31.49 -2.42
CA HIS A 228 10.91 31.14 -1.06
C HIS A 228 12.35 31.56 -0.73
N TYR A 229 13.23 31.56 -1.72
CA TYR A 229 14.63 31.73 -1.39
C TYR A 229 15.23 33.10 -1.63
N LYS A 230 14.76 33.83 -2.63
CA LYS A 230 15.36 35.14 -2.91
C LYS A 230 14.23 36.17 -2.84
N GLY A 231 13.00 35.69 -3.01
CA GLY A 231 11.82 36.54 -3.06
C GLY A 231 11.32 37.03 -1.72
N SER A 232 10.12 37.60 -1.71
CA SER A 232 9.67 38.30 -0.52
C SER A 232 8.61 37.55 0.27
N LEU A 233 8.52 36.23 0.10
CA LEU A 233 7.52 35.49 0.84
C LEU A 233 7.80 35.58 2.33
N LYS A 234 9.04 35.32 2.72
CA LYS A 234 9.42 35.33 4.12
C LYS A 234 9.13 36.71 4.73
N GLU A 235 9.52 37.79 4.03
CA GLU A 235 9.42 39.11 4.64
C GLU A 235 7.96 39.55 4.64
N LYS A 236 7.22 39.23 3.58
CA LYS A 236 5.81 39.58 3.53
C LYS A 236 5.05 38.89 4.64
N THR A 237 5.54 37.71 5.02
CA THR A 237 4.89 36.94 6.05
C THR A 237 5.14 37.59 7.41
N VAL A 238 6.41 37.86 7.72
CA VAL A 238 6.74 38.41 9.03
C VAL A 238 6.25 39.86 9.20
N GLU A 239 6.00 40.56 8.10
CA GLU A 239 5.45 41.93 8.15
C GLU A 239 3.99 41.94 8.54
N ASN A 240 3.34 40.79 8.46
CA ASN A 240 1.94 40.72 8.85
C ASN A 240 1.62 39.34 9.42
N LEU A 241 2.22 39.00 10.55
CA LEU A 241 2.10 37.67 11.08
C LEU A 241 0.67 37.25 11.46
N GLU A 242 -0.15 38.18 11.91
CA GLU A 242 -1.48 37.77 12.35
C GLU A 242 -2.38 37.44 11.17
N LYS A 243 -2.03 37.91 9.98
CA LYS A 243 -2.76 37.53 8.78
C LYS A 243 -2.39 36.14 8.29
N TYR A 244 -1.14 35.73 8.53
CA TYR A 244 -0.60 34.55 7.86
C TYR A 244 -0.41 33.35 8.74
N VAL A 245 -0.25 33.59 10.04
CA VAL A 245 0.17 32.52 10.95
C VAL A 245 -0.75 32.40 12.18
N VAL A 246 -1.23 31.18 12.38
CA VAL A 246 -2.09 30.85 13.50
C VAL A 246 -1.30 30.90 14.80
N LYS A 247 -1.91 31.27 15.91
CA LYS A 247 -1.20 31.18 17.18
C LYS A 247 -2.18 30.63 18.19
N ASP A 248 -1.67 29.83 19.11
CA ASP A 248 -2.52 29.13 20.00
C ASP A 248 -1.95 29.01 21.40
N GLY A 249 -2.72 29.47 22.38
CA GLY A 249 -2.28 29.51 23.75
C GLY A 249 -1.97 28.17 24.37
N LYS A 250 -2.39 27.07 23.74
CA LYS A 250 -2.09 25.77 24.30
C LYS A 250 -0.73 25.27 23.81
N LEU A 251 -0.15 25.94 22.81
CA LEU A 251 1.15 25.49 22.31
C LEU A 251 2.20 25.50 23.41
N PRO A 252 2.32 26.62 24.17
CA PRO A 252 3.27 26.56 25.29
C PRO A 252 2.86 25.55 26.33
N LEU A 253 1.56 25.41 26.55
CA LEU A 253 1.05 24.47 27.53
C LEU A 253 1.58 23.09 27.20
N LEU A 254 1.40 22.66 25.94
CA LEU A 254 1.80 21.32 25.55
C LEU A 254 3.29 21.12 25.71
N LEU A 255 4.07 22.03 25.13
CA LEU A 255 5.52 21.85 25.12
C LEU A 255 6.10 21.88 26.52
N SER A 256 5.50 22.64 27.43
CA SER A 256 6.07 22.68 28.76
C SER A 256 5.72 21.37 29.48
N ARG A 257 4.51 20.87 29.28
CA ARG A 257 4.15 19.57 29.83
C ARG A 257 5.05 18.48 29.26
N MET A 258 5.40 18.60 27.97
CA MET A 258 6.28 17.64 27.31
C MET A 258 7.69 17.62 27.90
N LYS A 259 8.17 18.80 28.28
CA LYS A 259 9.50 18.96 28.81
C LYS A 259 9.67 18.40 30.25
N GLU A 260 8.55 18.14 30.91
CA GLU A 260 8.53 17.59 32.26
C GLU A 260 8.75 16.05 32.23
N VAL A 261 8.51 15.43 31.08
CA VAL A 261 8.60 13.99 31.00
C VAL A 261 9.69 13.48 30.04
N GLY A 262 10.33 14.40 29.32
CA GLY A 262 11.34 14.03 28.32
C GLY A 262 11.90 15.26 27.65
N LYS A 263 12.93 15.10 26.81
CA LYS A 263 13.60 16.23 26.16
C LYS A 263 12.88 16.70 24.91
N VAL A 264 13.02 17.97 24.57
CA VAL A 264 12.29 18.54 23.44
C VAL A 264 13.22 19.32 22.51
N PHE A 265 13.20 19.06 21.21
CA PHE A 265 14.07 19.81 20.34
C PHE A 265 13.38 20.38 19.11
N LEU A 266 14.03 21.36 18.51
CA LEU A 266 13.56 22.00 17.31
C LEU A 266 14.55 21.75 16.19
N ALA A 267 14.06 21.22 15.08
CA ALA A 267 14.91 20.94 13.94
C ALA A 267 14.25 21.44 12.68
N THR A 268 14.58 22.66 12.28
CA THR A 268 13.89 23.25 11.16
C THR A 268 14.85 23.52 10.03
N ASN A 269 14.31 23.55 8.81
CA ASN A 269 15.07 23.89 7.61
C ASN A 269 15.21 25.41 7.45
N SER A 270 14.41 26.17 8.20
CA SER A 270 14.51 27.60 8.09
C SER A 270 15.76 28.06 8.79
N ASP A 271 16.11 29.32 8.59
CA ASP A 271 17.27 29.90 9.21
C ASP A 271 16.85 30.54 10.54
N TYR A 272 17.85 30.98 11.31
CA TYR A 272 17.60 31.50 12.65
C TYR A 272 16.84 32.82 12.64
N LYS A 273 17.21 33.75 11.77
CA LYS A 273 16.58 35.07 11.74
C LYS A 273 15.07 34.85 11.55
N TYR A 274 14.70 33.96 10.64
CA TYR A 274 13.27 33.68 10.39
C TYR A 274 12.59 32.89 11.51
N THR A 275 13.25 31.83 11.93
CA THR A 275 12.73 30.97 12.98
C THR A 275 12.38 31.81 14.19
N ASP A 276 13.29 32.72 14.53
CA ASP A 276 13.14 33.63 15.66
C ASP A 276 11.89 34.49 15.53
N LYS A 277 11.75 35.10 14.37
CA LYS A 277 10.59 35.97 14.17
C LYS A 277 9.32 35.15 14.32
N ILE A 278 9.38 33.93 13.81
CA ILE A 278 8.22 33.07 13.86
C ILE A 278 7.98 32.53 15.29
N MET A 279 9.02 32.01 15.91
CA MET A 279 8.87 31.37 17.20
C MET A 279 8.49 32.38 18.27
N THR A 280 9.01 33.59 18.12
CA THR A 280 8.63 34.69 19.01
C THR A 280 7.14 34.98 18.94
N TYR A 281 6.61 35.08 17.73
CA TYR A 281 5.18 35.32 17.53
C TYR A 281 4.31 34.21 18.08
N LEU A 282 4.68 32.97 17.77
CA LEU A 282 3.92 31.82 18.23
C LEU A 282 3.83 31.82 19.75
N PHE A 283 4.84 32.37 20.40
CA PHE A 283 4.87 32.41 21.86
C PHE A 283 4.46 33.75 22.47
N ASP A 284 4.06 34.71 21.64
CA ASP A 284 3.74 36.03 22.17
C ASP A 284 2.33 36.02 22.74
N PHE A 285 2.21 35.66 24.01
CA PHE A 285 0.98 35.82 24.76
C PHE A 285 1.35 36.57 26.02
N PRO A 286 0.37 37.22 26.65
CA PRO A 286 0.75 37.97 27.85
C PRO A 286 1.21 37.06 29.03
N HIS A 287 1.15 35.73 28.84
CA HIS A 287 1.55 34.76 29.86
C HIS A 287 2.53 33.71 29.30
N GLY A 288 2.93 32.77 30.16
CA GLY A 288 3.76 31.63 29.79
C GLY A 288 2.92 30.38 29.58
N PRO A 289 3.44 29.22 30.03
CA PRO A 289 2.80 27.91 29.89
C PRO A 289 1.29 27.93 30.15
N LYS A 290 0.87 28.52 31.26
CA LYS A 290 -0.55 28.63 31.57
C LYS A 290 -0.93 30.05 31.86
N PRO A 291 -2.23 30.37 31.79
CA PRO A 291 -2.62 31.70 32.25
C PRO A 291 -2.22 31.91 33.69
N GLY A 292 -1.60 33.05 33.99
CA GLY A 292 -1.16 33.33 35.34
C GLY A 292 0.34 33.20 35.52
N SER A 293 0.97 32.37 34.69
CA SER A 293 2.43 32.20 34.73
C SER A 293 3.14 33.21 33.84
N SER A 294 4.32 33.66 34.26
CA SER A 294 5.04 34.70 33.51
C SER A 294 5.61 34.24 32.15
N HIS A 295 5.61 35.18 31.21
CA HIS A 295 6.09 34.90 29.87
C HIS A 295 7.57 34.57 29.86
N ARG A 296 7.88 33.35 29.40
CA ARG A 296 9.23 32.90 29.10
C ARG A 296 9.48 33.00 27.59
N PRO A 297 10.75 33.23 27.21
CA PRO A 297 11.10 33.19 25.78
C PRO A 297 10.92 31.79 25.21
N TRP A 298 10.76 31.68 23.90
CA TRP A 298 10.54 30.38 23.26
C TRP A 298 11.75 29.46 23.31
N GLN A 299 12.94 30.03 23.38
CA GLN A 299 14.12 29.18 23.46
C GLN A 299 14.09 28.36 24.74
N SER A 300 13.45 28.90 25.76
CA SER A 300 13.46 28.26 27.06
C SER A 300 12.71 26.93 26.98
N TYR A 301 11.86 26.78 25.97
CA TYR A 301 11.01 25.62 25.85
C TYR A 301 11.68 24.46 25.16
N PHE A 302 12.95 24.61 24.77
CA PHE A 302 13.62 23.57 23.99
C PHE A 302 14.97 23.15 24.56
N ASP A 303 15.12 21.87 24.88
CA ASP A 303 16.43 21.36 25.26
C ASP A 303 17.45 21.49 24.13
N LEU A 304 16.98 21.50 22.89
CA LEU A 304 17.91 21.65 21.80
C LEU A 304 17.27 22.38 20.63
N ILE A 305 17.98 23.34 20.07
CA ILE A 305 17.47 24.06 18.91
C ILE A 305 18.40 23.94 17.73
N LEU A 306 17.87 23.49 16.60
CA LEU A 306 18.68 23.33 15.43
C LEU A 306 17.95 23.91 14.24
N VAL A 307 18.68 24.72 13.49
CA VAL A 307 18.17 25.31 12.26
C VAL A 307 19.09 24.94 11.08
N ASP A 308 18.68 25.32 9.87
CA ASP A 308 19.39 25.00 8.63
C ASP A 308 19.68 23.51 8.53
N ALA A 309 18.73 22.67 8.94
CA ALA A 309 18.98 21.23 9.04
C ALA A 309 19.28 20.60 7.70
N ARG A 310 18.66 21.13 6.67
CA ARG A 310 18.73 20.61 5.31
C ARG A 310 18.18 19.20 5.30
N LYS A 311 17.02 19.02 5.94
CA LYS A 311 16.21 17.82 5.72
C LYS A 311 15.87 17.81 4.25
N PRO A 312 15.98 16.66 3.58
CA PRO A 312 16.19 15.29 4.07
C PRO A 312 17.65 14.88 4.24
N LEU A 313 18.58 15.55 3.57
CA LEU A 313 20.00 15.25 3.69
C LEU A 313 20.41 15.12 5.15
N PHE A 314 19.80 15.95 5.98
CA PHE A 314 19.90 15.89 7.42
C PHE A 314 19.86 14.50 8.05
N PHE A 315 18.96 13.65 7.55
CA PHE A 315 18.70 12.35 8.16
C PHE A 315 19.67 11.35 7.64
N GLY A 316 20.49 11.77 6.67
CA GLY A 316 21.54 10.90 6.20
C GLY A 316 22.88 11.36 6.72
N GLU A 317 23.78 11.70 5.81
CA GLU A 317 25.11 12.20 6.15
C GLU A 317 25.02 13.62 6.71
N GLY A 318 24.01 14.36 6.29
CA GLY A 318 23.82 15.71 6.78
C GLY A 318 24.90 16.66 6.39
N THR A 319 25.11 17.68 7.20
CA THR A 319 26.14 18.65 6.91
C THR A 319 27.03 18.72 8.14
N VAL A 320 28.02 19.60 8.13
CA VAL A 320 28.82 19.83 9.32
C VAL A 320 27.99 20.59 10.35
N LEU A 321 28.02 20.13 11.59
CA LEU A 321 27.36 20.86 12.67
C LEU A 321 28.07 22.16 12.95
N ARG A 322 27.30 23.24 12.99
CA ARG A 322 27.88 24.53 13.30
C ARG A 322 27.00 25.14 14.36
N GLN A 323 27.40 26.31 14.84
CA GLN A 323 26.65 27.00 15.87
C GLN A 323 26.33 28.43 15.45
N VAL A 324 25.10 28.85 15.71
CA VAL A 324 24.67 30.17 15.32
C VAL A 324 24.99 31.16 16.41
N ASP A 325 25.40 32.35 16.00
CA ASP A 325 25.55 33.51 16.86
C ASP A 325 24.22 34.29 16.91
N THR A 326 23.55 34.23 18.06
CA THR A 326 22.23 34.83 18.25
C THR A 326 22.15 36.32 17.97
N LYS A 327 23.11 37.08 18.47
CA LYS A 327 23.20 38.51 18.20
C LYS A 327 23.17 38.86 16.70
N THR A 328 24.15 38.35 15.94
CA THR A 328 24.32 38.68 14.51
C THR A 328 23.45 37.85 13.57
N GLY A 329 23.19 36.59 13.91
CA GLY A 329 22.48 35.71 13.01
C GLY A 329 23.42 34.84 12.21
N LYS A 330 24.64 35.30 12.02
CA LYS A 330 25.64 34.55 11.26
C LYS A 330 26.15 33.38 12.11
N LEU A 331 26.91 32.47 11.50
CA LEU A 331 27.48 31.34 12.22
C LEU A 331 28.74 31.73 12.94
N LYS A 332 29.00 31.13 14.10
CA LYS A 332 30.29 31.28 14.75
C LYS A 332 31.34 30.51 13.95
N ILE A 333 32.55 31.03 13.90
CA ILE A 333 33.59 30.33 13.16
C ILE A 333 33.89 29.00 13.82
N GLY A 334 33.83 28.97 15.14
CA GLY A 334 33.96 27.72 15.86
C GLY A 334 32.60 27.33 16.38
N THR A 335 32.48 26.12 16.95
CA THR A 335 31.17 25.62 17.34
C THR A 335 31.05 25.45 18.86
N TYR A 336 31.36 24.25 19.36
CA TYR A 336 31.08 23.80 20.73
C TYR A 336 30.75 22.31 20.65
N THR A 337 31.80 21.50 20.65
CA THR A 337 31.70 20.05 20.55
C THR A 337 31.25 19.43 21.88
N GLY A 338 30.95 20.29 22.85
CA GLY A 338 30.58 19.86 24.19
C GLY A 338 29.18 19.28 24.30
N PRO A 339 28.87 18.73 25.47
CA PRO A 339 27.57 18.09 25.76
C PRO A 339 26.44 19.11 25.88
N LEU A 340 25.22 18.61 26.00
CA LEU A 340 24.02 19.44 26.21
C LEU A 340 24.18 20.39 27.41
N GLN A 341 24.35 21.68 27.15
CA GLN A 341 24.37 22.70 28.20
C GLN A 341 23.97 24.01 27.53
N HIS A 342 22.70 24.34 27.66
CA HIS A 342 22.02 25.17 26.68
C HIS A 342 21.86 26.67 26.99
N GLY A 343 22.44 27.46 26.10
CA GLY A 343 21.94 28.75 25.67
C GLY A 343 22.29 28.75 24.18
N ILE A 344 22.71 27.56 23.71
CA ILE A 344 23.20 27.29 22.36
C ILE A 344 22.17 27.07 21.25
N VAL A 345 22.49 27.52 20.05
CA VAL A 345 21.69 27.25 18.86
C VAL A 345 22.51 26.66 17.73
N TYR A 346 22.09 25.50 17.23
CA TYR A 346 22.91 24.83 16.24
C TYR A 346 22.40 25.05 14.82
N SER A 347 23.32 24.97 13.85
CA SER A 347 22.96 24.88 12.43
C SER A 347 23.54 23.61 11.75
N GLY A 348 22.78 23.05 10.81
CA GLY A 348 23.23 21.94 9.99
C GLY A 348 23.25 20.62 10.69
N GLY A 349 24.37 19.91 10.62
CA GLY A 349 24.50 18.63 11.31
C GLY A 349 23.70 17.49 10.69
N SER A 350 23.35 16.53 11.54
CA SER A 350 22.64 15.32 11.13
C SER A 350 21.73 14.85 12.26
N SER A 351 20.79 13.97 11.93
CA SER A 351 19.89 13.39 12.93
C SER A 351 20.65 12.60 14.00
N ASP A 352 21.82 12.09 13.63
CA ASP A 352 22.64 11.36 14.58
C ASP A 352 23.17 12.33 15.64
N THR A 353 23.61 13.51 15.18
CA THR A 353 24.01 14.55 16.12
C THR A 353 22.95 14.77 17.20
N ILE A 354 21.69 14.85 16.82
CA ILE A 354 20.64 15.01 17.81
C ILE A 354 20.69 13.87 18.82
N CYS A 355 20.84 12.66 18.32
CA CYS A 355 20.86 11.47 19.17
C CYS A 355 22.05 11.46 20.09
N ASP A 356 23.20 11.90 19.58
CA ASP A 356 24.39 12.03 20.44
C ASP A 356 24.12 13.04 21.53
N LEU A 357 23.71 14.24 21.16
CA LEU A 357 23.46 15.33 22.10
C LEU A 357 22.37 15.07 23.15
N LEU A 358 21.31 14.37 22.79
CA LEU A 358 20.26 14.07 23.76
C LEU A 358 20.43 12.69 24.37
N GLY A 359 21.41 11.95 23.89
CA GLY A 359 21.65 10.60 24.38
C GLY A 359 20.44 9.70 24.25
N ALA A 360 19.80 9.69 23.09
CA ALA A 360 18.68 8.82 22.81
C ALA A 360 18.97 8.12 21.49
N LYS A 361 18.30 7.04 21.14
CA LYS A 361 18.30 6.73 19.71
C LYS A 361 16.88 6.53 19.21
N GLY A 362 16.76 6.49 17.90
CA GLY A 362 15.53 6.60 17.16
C GLY A 362 14.24 6.10 17.74
N LYS A 363 14.18 4.84 18.13
CA LYS A 363 12.88 4.33 18.53
C LYS A 363 12.40 5.07 19.77
N ASP A 364 13.30 5.79 20.43
CA ASP A 364 12.91 6.57 21.61
C ASP A 364 12.55 7.98 21.25
N ILE A 365 12.56 8.29 19.96
CA ILE A 365 12.27 9.66 19.53
C ILE A 365 11.03 9.77 18.67
N LEU A 366 10.13 10.66 19.07
CA LEU A 366 8.95 10.96 18.28
C LEU A 366 9.19 12.24 17.50
N TYR A 367 9.27 12.14 16.16
CA TYR A 367 9.40 13.32 15.33
C TYR A 367 8.06 13.82 14.80
N ILE A 368 7.80 15.11 15.01
CA ILE A 368 6.51 15.76 14.73
C ILE A 368 6.60 16.77 13.58
N GLY A 369 5.84 16.54 12.53
CA GLY A 369 5.99 17.32 11.32
C GLY A 369 4.93 17.13 10.26
N ASP A 370 5.04 18.00 9.25
CA ASP A 370 4.03 18.10 8.20
C ASP A 370 4.48 17.36 6.95
N HIS A 371 5.76 17.07 6.85
CA HIS A 371 6.32 16.49 5.65
C HIS A 371 6.58 15.00 5.74
N ILE A 372 6.13 14.32 4.68
CA ILE A 372 6.26 12.87 4.45
C ILE A 372 7.59 12.49 3.80
N PHE A 373 8.54 11.99 4.58
CA PHE A 373 9.81 11.62 3.98
C PHE A 373 9.75 10.21 3.40
N GLY A 374 10.89 9.56 3.27
CA GLY A 374 10.93 8.23 2.70
C GLY A 374 11.80 7.26 3.48
N ASP A 375 12.40 6.33 2.73
CA ASP A 375 13.23 5.26 3.27
C ASP A 375 14.30 4.81 2.27
N LYS A 378 13.71 2.22 8.25
CA LYS A 378 13.23 2.90 7.05
C LYS A 378 13.86 4.29 6.89
N SER A 379 15.12 4.37 6.46
CA SER A 379 16.01 3.22 6.26
C SER A 379 17.45 3.60 6.59
N LYS A 380 18.40 2.87 6.00
CA LYS A 380 19.85 3.04 6.11
C LYS A 380 20.28 2.84 7.58
N LYS A 381 21.25 1.95 7.77
CA LYS A 381 21.62 1.32 9.05
C LYS A 381 21.46 2.05 10.40
N ARG A 382 21.36 3.37 10.42
CA ARG A 382 21.09 4.01 11.72
C ARG A 382 19.65 3.87 12.09
N GLN A 383 19.39 3.80 13.39
CA GLN A 383 18.03 3.67 13.90
C GLN A 383 17.20 4.93 13.64
N GLY A 384 15.94 4.75 13.27
CA GLY A 384 15.10 5.83 12.84
C GLY A 384 14.02 6.20 13.84
N TRP A 385 13.63 7.46 13.81
CA TRP A 385 12.71 8.01 14.78
C TRP A 385 11.29 7.58 14.49
N ARG A 386 10.42 7.61 15.49
CA ARG A 386 9.01 7.42 15.24
C ARG A 386 8.42 8.71 14.70
N THR A 387 7.24 8.64 14.10
CA THR A 387 6.74 9.75 13.33
C THR A 387 5.30 10.12 13.66
N PHE A 388 5.09 11.40 13.95
CA PHE A 388 3.77 11.97 14.10
C PHE A 388 3.59 12.93 12.93
N LEU A 389 2.67 12.59 12.04
CA LEU A 389 2.44 13.42 10.87
C LEU A 389 1.26 14.35 11.08
N VAL A 390 1.52 15.62 10.83
CA VAL A 390 0.50 16.63 10.96
C VAL A 390 -0.11 16.77 9.58
N ILE A 391 -1.42 16.72 9.52
CA ILE A 391 -2.15 16.83 8.26
C ILE A 391 -3.29 17.79 8.48
N PRO A 392 -3.06 19.09 8.21
CA PRO A 392 -4.04 20.14 8.50
C PRO A 392 -5.40 19.92 7.83
N GLU A 393 -5.42 19.45 6.57
CA GLU A 393 -6.65 19.23 5.80
C GLU A 393 -7.62 18.28 6.48
N LEU A 394 -7.11 17.62 7.53
CA LEU A 394 -7.84 16.57 8.20
C LEU A 394 -9.07 17.12 8.88
N ALA A 395 -9.01 18.37 9.35
CA ALA A 395 -10.18 19.00 9.95
C ALA A 395 -11.33 19.12 8.95
N GLN A 396 -11.04 19.54 7.71
CA GLN A 396 -12.15 19.66 6.79
C GLN A 396 -12.61 18.25 6.40
N GLU A 397 -11.66 17.34 6.18
CA GLU A 397 -11.96 15.93 5.88
C GLU A 397 -12.92 15.29 6.88
N LEU A 398 -12.69 15.58 8.15
CA LEU A 398 -13.51 15.04 9.21
C LEU A 398 -14.89 15.70 9.25
N HIS A 399 -14.94 16.98 8.91
CA HIS A 399 -16.20 17.74 8.87
C HIS A 399 -17.20 17.12 7.88
N VAL A 400 -16.74 16.87 6.66
CA VAL A 400 -17.53 16.22 5.62
C VAL A 400 -18.02 14.84 6.07
N TRP A 401 -17.13 14.09 6.71
CA TRP A 401 -17.42 12.78 7.27
C TRP A 401 -18.45 12.86 8.41
N THR A 402 -18.93 14.05 8.75
CA THR A 402 -19.90 14.18 9.84
C THR A 402 -21.18 14.96 9.48
N ASP A 403 -21.03 16.12 8.86
CA ASP A 403 -22.21 16.91 8.53
C ASP A 403 -22.85 16.48 7.23
N LYS A 404 -22.35 15.39 6.64
CA LYS A 404 -22.94 14.91 5.41
C LYS A 404 -23.36 13.45 5.58
N SER A 405 -23.62 13.09 6.83
CA SER A 405 -24.15 11.79 7.19
C SER A 405 -25.29 11.39 6.26
N SER A 406 -26.06 12.38 5.83
CA SER A 406 -27.22 12.13 5.00
C SER A 406 -26.82 11.45 3.68
N LEU A 407 -25.72 11.90 3.08
CA LEU A 407 -25.27 11.33 1.81
C LEU A 407 -24.71 9.92 1.92
N PHE A 408 -24.13 9.61 3.07
CA PHE A 408 -23.58 8.29 3.29
C PHE A 408 -24.68 7.26 3.48
N GLU A 409 -25.78 7.64 4.12
CA GLU A 409 -26.79 6.64 4.43
C GLU A 409 -27.71 6.46 3.24
N GLU A 410 -27.71 7.42 2.33
CA GLU A 410 -28.36 7.21 1.07
C GLU A 410 -27.60 6.15 0.30
N LEU A 411 -26.30 6.39 0.14
CA LEU A 411 -25.37 5.49 -0.53
C LEU A 411 -25.46 4.12 0.12
N GLN A 412 -25.45 4.10 1.45
CA GLN A 412 -25.66 2.87 2.21
C GLN A 412 -26.88 2.14 1.67
N SER A 413 -28.01 2.83 1.72
CA SER A 413 -29.29 2.24 1.33
C SER A 413 -29.34 1.88 -0.15
N LEU A 414 -28.79 2.73 -1.02
CA LEU A 414 -28.77 2.45 -2.44
C LEU A 414 -28.03 1.15 -2.70
N ASP A 415 -27.01 0.90 -1.89
CA ASP A 415 -26.21 -0.29 -2.04
C ASP A 415 -26.96 -1.50 -1.49
N ILE A 416 -27.54 -1.33 -0.31
CA ILE A 416 -28.45 -2.32 0.22
C ILE A 416 -29.41 -2.77 -0.87
N PHE A 417 -29.97 -1.78 -1.56
CA PHE A 417 -31.05 -2.01 -2.50
C PHE A 417 -30.62 -2.90 -3.64
N LEU A 418 -29.41 -2.70 -4.14
CA LEU A 418 -28.91 -3.56 -5.18
C LEU A 418 -28.88 -5.00 -4.70
N ALA A 419 -28.26 -5.21 -3.53
CA ALA A 419 -28.09 -6.54 -2.96
C ALA A 419 -29.37 -7.34 -3.09
N GLU A 420 -30.49 -6.63 -2.93
CA GLU A 420 -31.81 -7.24 -2.99
C GLU A 420 -32.17 -7.64 -4.41
N LEU A 421 -31.93 -6.72 -5.34
CA LEU A 421 -32.29 -6.96 -6.73
C LEU A 421 -31.58 -8.21 -7.24
N TYR A 422 -30.51 -8.63 -6.57
CA TYR A 422 -29.74 -9.78 -7.03
C TYR A 422 -29.79 -10.92 -6.04
N LYS A 423 -30.52 -10.69 -4.97
CA LYS A 423 -30.49 -11.57 -3.79
C LYS A 423 -30.79 -13.03 -4.13
N HIS A 424 -31.94 -13.28 -4.77
CA HIS A 424 -32.32 -14.65 -5.07
C HIS A 424 -31.92 -15.09 -6.46
N LEU A 425 -30.77 -14.63 -6.93
CA LEU A 425 -30.29 -15.00 -8.26
C LEU A 425 -28.95 -15.71 -8.17
N ASP A 426 -28.62 -16.47 -9.21
CA ASP A 426 -27.36 -17.21 -9.30
C ASP A 426 -27.02 -17.37 -10.78
N SER A 427 -26.06 -18.21 -11.12
CA SER A 427 -25.61 -18.29 -12.50
C SER A 427 -26.62 -18.95 -13.45
N SER A 428 -27.62 -19.62 -12.89
CA SER A 428 -28.61 -20.23 -13.73
C SER A 428 -29.62 -19.19 -14.22
N SER A 429 -29.89 -18.17 -13.41
CA SER A 429 -30.94 -17.23 -13.73
C SER A 429 -30.57 -16.28 -14.85
N ASN A 430 -31.56 -15.95 -15.65
CA ASN A 430 -31.40 -15.08 -16.83
C ASN A 430 -31.85 -13.64 -16.68
N GLU A 431 -32.31 -13.26 -15.49
CA GLU A 431 -32.75 -11.88 -15.25
C GLU A 431 -31.59 -10.91 -15.51
N ARG A 432 -31.87 -9.85 -16.25
CA ARG A 432 -30.96 -8.72 -16.43
C ARG A 432 -31.59 -7.50 -15.77
N PRO A 433 -31.68 -7.50 -14.41
CA PRO A 433 -32.40 -6.43 -13.71
C PRO A 433 -31.86 -5.06 -14.07
N ASP A 434 -32.75 -4.14 -14.45
CA ASP A 434 -32.32 -2.80 -14.79
C ASP A 434 -31.98 -2.02 -13.54
N ILE A 435 -30.70 -1.66 -13.43
CA ILE A 435 -30.18 -0.95 -12.27
C ILE A 435 -29.62 0.40 -12.72
N SER A 436 -29.90 0.77 -13.96
CA SER A 436 -29.33 1.98 -14.57
C SER A 436 -29.92 3.26 -13.96
N SER A 437 -31.10 3.17 -13.36
CA SER A 437 -31.64 4.32 -12.67
C SER A 437 -30.94 4.50 -11.33
N ILE A 438 -30.79 3.38 -10.60
CA ILE A 438 -30.07 3.32 -9.33
C ILE A 438 -28.60 3.74 -9.51
N GLN A 439 -27.96 3.17 -10.53
CA GLN A 439 -26.57 3.50 -10.83
C GLN A 439 -26.36 4.99 -10.94
N ARG A 440 -27.09 5.65 -11.83
CA ARG A 440 -26.82 7.06 -12.08
C ARG A 440 -27.10 7.91 -10.83
N ARG A 441 -28.02 7.46 -9.99
CA ARG A 441 -28.27 8.12 -8.71
C ARG A 441 -27.04 8.09 -7.80
N ILE A 442 -26.32 6.97 -7.80
CA ILE A 442 -25.10 6.86 -7.02
C ILE A 442 -24.10 7.93 -7.46
N LYS A 443 -23.92 8.06 -8.79
CA LYS A 443 -22.91 8.96 -9.35
C LYS A 443 -23.14 10.39 -8.87
N LYS A 444 -24.42 10.79 -8.73
CA LYS A 444 -24.76 12.15 -8.29
C LYS A 444 -24.50 12.35 -6.80
N VAL A 445 -24.86 11.37 -5.97
CA VAL A 445 -24.64 11.50 -4.53
C VAL A 445 -23.14 11.52 -4.22
N THR A 446 -22.35 10.71 -4.94
CA THR A 446 -20.92 10.72 -4.69
C THR A 446 -20.26 11.99 -5.25
N HIS A 447 -20.70 12.45 -6.42
CA HIS A 447 -20.19 13.70 -6.96
C HIS A 447 -20.55 14.88 -6.02
N ASP A 448 -21.78 14.87 -5.50
CA ASP A 448 -22.18 15.91 -4.59
C ASP A 448 -21.34 15.81 -3.33
N MET A 449 -21.03 14.59 -2.93
CA MET A 449 -20.14 14.41 -1.80
C MET A 449 -18.72 14.88 -2.11
N ASP A 450 -18.20 14.50 -3.26
CA ASP A 450 -16.89 14.98 -3.69
C ASP A 450 -16.82 16.50 -3.63
N MET A 451 -17.79 17.17 -4.24
CA MET A 451 -17.76 18.64 -4.32
C MET A 451 -17.59 19.27 -2.94
N CYS A 452 -18.03 18.57 -1.90
CA CYS A 452 -17.85 19.07 -0.53
C CYS A 452 -16.38 19.20 -0.12
N TYR A 453 -15.49 18.41 -0.71
CA TYR A 453 -14.08 18.44 -0.32
C TYR A 453 -13.35 19.57 -1.04
N GLY A 454 -13.51 19.58 -2.35
CA GLY A 454 -12.90 20.55 -3.22
C GLY A 454 -13.25 20.02 -4.59
N MET A 455 -12.68 20.56 -5.66
CA MET A 455 -13.07 20.01 -6.93
C MET A 455 -12.23 18.85 -7.37
N MET A 456 -11.09 18.62 -6.71
CA MET A 456 -10.32 17.41 -6.97
C MET A 456 -10.61 16.36 -5.89
N GLY A 457 -11.66 16.61 -5.09
CA GLY A 457 -12.12 15.64 -4.11
C GLY A 457 -11.31 15.47 -2.84
N SER A 458 -11.60 14.40 -2.13
CA SER A 458 -10.96 14.12 -0.87
C SER A 458 -9.48 13.88 -1.07
N LEU A 459 -8.69 14.37 -0.13
CA LEU A 459 -7.26 14.11 -0.06
C LEU A 459 -6.93 12.59 -0.02
N PHE A 460 -7.79 11.84 0.69
CA PHE A 460 -7.51 10.44 1.01
C PHE A 460 -8.21 9.42 0.12
N ARG A 461 -9.44 9.75 -0.28
CA ARG A 461 -10.36 8.83 -0.93
C ARG A 461 -10.99 9.36 -2.23
N SER A 462 -11.40 8.44 -3.09
CA SER A 462 -12.33 8.73 -4.20
C SER A 462 -13.16 7.51 -4.48
N GLY A 463 -14.45 7.60 -4.19
CA GLY A 463 -15.33 6.44 -4.29
C GLY A 463 -14.81 5.42 -3.32
N SER A 464 -14.60 4.21 -3.81
CA SER A 464 -14.09 3.18 -2.93
C SER A 464 -12.58 3.29 -2.72
N ARG A 465 -11.87 3.99 -3.60
CA ARG A 465 -10.42 3.86 -3.63
C ARG A 465 -9.65 4.84 -2.76
N GLN A 466 -8.53 4.39 -2.22
CA GLN A 466 -7.61 5.26 -1.51
C GLN A 466 -6.63 5.98 -2.43
N THR A 467 -6.34 7.22 -2.10
CA THR A 467 -5.38 7.97 -2.89
C THR A 467 -3.94 7.52 -2.66
N LEU A 468 -3.08 7.83 -3.61
CA LEU A 468 -1.66 7.62 -3.38
C LEU A 468 -1.20 8.36 -2.11
N PHE A 469 -1.89 9.44 -1.79
CA PHE A 469 -1.55 10.23 -0.62
C PHE A 469 -1.87 9.44 0.62
N ALA A 470 -3.02 8.80 0.61
CA ALA A 470 -3.48 8.03 1.75
C ALA A 470 -2.47 6.94 2.03
N SER A 471 -1.92 6.38 0.97
CA SER A 471 -1.02 5.28 1.16
C SER A 471 0.35 5.79 1.60
N GLN A 472 0.77 6.97 1.14
CA GLN A 472 2.04 7.51 1.66
C GLN A 472 1.95 7.81 3.15
N VAL A 473 0.81 8.33 3.59
CA VAL A 473 0.60 8.56 5.01
C VAL A 473 0.71 7.26 5.78
N MET A 474 -0.11 6.29 5.43
CA MET A 474 -0.06 4.98 6.09
C MET A 474 1.33 4.29 6.01
N ARG A 475 2.14 4.66 5.03
CA ARG A 475 3.51 4.19 5.03
C ARG A 475 4.28 5.00 6.09
N TYR A 476 4.50 6.29 5.83
CA TYR A 476 5.46 7.01 6.63
C TYR A 476 5.02 7.32 8.07
N ALA A 477 3.72 7.41 8.34
CA ALA A 477 3.30 7.97 9.65
C ALA A 477 2.84 6.94 10.67
N ASP A 478 3.45 6.96 11.86
CA ASP A 478 2.97 6.12 12.97
C ASP A 478 1.70 6.69 13.56
N LEU A 479 1.75 8.00 13.79
CA LEU A 479 0.64 8.79 14.31
C LEU A 479 0.24 9.87 13.34
N TYR A 480 -1.04 10.21 13.28
CA TYR A 480 -1.39 11.42 12.55
C TYR A 480 -2.64 12.08 13.11
N ALA A 481 -2.73 13.38 12.86
CA ALA A 481 -3.87 14.18 13.28
C ALA A 481 -3.85 15.50 12.54
N ALA A 482 -4.89 16.30 12.77
CA ALA A 482 -5.01 17.59 12.12
C ALA A 482 -3.93 18.53 12.66
N SER A 483 -3.74 18.50 13.96
CA SER A 483 -2.66 19.25 14.57
C SER A 483 -1.95 18.39 15.60
N PHE A 484 -0.68 18.65 15.84
CA PHE A 484 0.05 17.93 16.88
C PHE A 484 -0.43 18.32 18.25
N ILE A 485 -1.20 19.40 18.29
CA ILE A 485 -1.70 19.90 19.57
C ILE A 485 -2.65 18.89 20.20
N ASN A 486 -3.15 17.96 19.41
CA ASN A 486 -4.09 16.97 19.90
C ASN A 486 -3.44 16.06 20.95
N LEU A 487 -2.10 16.05 21.02
CA LEU A 487 -1.40 15.30 22.05
C LEU A 487 -1.75 15.82 23.45
N LEU A 488 -2.27 17.05 23.51
CA LEU A 488 -2.76 17.66 24.75
C LEU A 488 -3.86 16.85 25.43
N TYR A 489 -4.62 16.10 24.64
CA TYR A 489 -5.74 15.36 25.20
C TYR A 489 -5.40 13.90 25.56
N TYR A 490 -4.12 13.54 25.49
CA TYR A 490 -3.66 12.18 25.84
C TYR A 490 -2.53 12.20 26.89
N PRO A 491 -2.53 11.22 27.81
CA PRO A 491 -1.48 11.16 28.82
C PRO A 491 -0.20 10.63 28.22
N PHE A 492 0.94 10.90 28.87
CA PHE A 492 2.21 10.44 28.33
C PHE A 492 2.46 8.98 28.68
N SER A 493 1.46 8.37 29.28
CA SER A 493 1.45 6.94 29.59
C SER A 493 0.55 6.23 28.58
N TYR A 494 -0.02 7.00 27.68
CA TYR A 494 -0.96 6.43 26.75
C TYR A 494 -0.29 5.43 25.84
N LEU A 495 -1.06 4.43 25.46
CA LEU A 495 -0.59 3.44 24.52
C LEU A 495 -1.42 3.53 23.26
N PHE A 496 -0.82 4.00 22.18
CA PHE A 496 -1.53 4.07 20.92
C PHE A 496 -1.54 2.67 20.26
N ARG A 497 -2.75 2.13 20.05
CA ARG A 497 -2.93 0.83 19.40
C ARG A 497 -3.35 1.07 17.96
N ALA A 498 -2.61 0.51 17.00
CA ALA A 498 -2.95 0.64 15.59
C ALA A 498 -4.37 0.23 15.26
N ALA A 499 -5.06 0.99 14.41
CA ALA A 499 -6.35 0.54 13.89
C ALA A 499 -6.13 -0.57 12.83
N HIS A 500 -7.09 -1.49 12.73
CA HIS A 500 -7.02 -2.57 11.75
C HIS A 500 -7.56 -2.15 10.39
N VAL A 501 -6.69 -2.10 9.39
CA VAL A 501 -7.17 -1.85 8.04
C VAL A 501 -7.63 -3.17 7.41
N LEU A 502 -8.93 -3.31 7.17
CA LEU A 502 -9.46 -4.62 6.75
C LEU A 502 -9.60 -4.82 5.26
N MET A 503 -9.22 -6.01 4.81
CA MET A 503 -9.43 -6.39 3.41
C MET A 503 -10.90 -6.71 3.23
N PRO A 504 -11.40 -6.65 1.99
CA PRO A 504 -12.79 -6.97 1.66
C PRO A 504 -13.34 -8.20 2.38
N HIS A 505 -12.57 -9.29 2.36
CA HIS A 505 -13.07 -10.52 2.97
C HIS A 505 -13.06 -10.40 4.49
N GLU A 506 -12.30 -9.45 5.04
CA GLU A 506 -12.35 -9.24 6.49
C GLU A 506 -13.53 -8.35 6.88
N SER A 507 -13.81 -7.34 6.07
CA SER A 507 -14.79 -6.36 6.47
C SER A 507 -16.19 -6.76 6.12
N THR A 508 -16.36 -7.72 5.21
CA THR A 508 -17.71 -8.06 4.79
C THR A 508 -18.12 -9.41 5.30
N VAL A 509 -17.34 -9.94 6.23
CA VAL A 509 -17.57 -11.25 6.83
C VAL A 509 -17.51 -11.14 8.34
N GLU A 510 -18.59 -11.51 9.01
CA GLU A 510 -18.70 -11.44 10.47
C GLU A 510 -18.08 -12.64 11.17
N HIS A 511 -17.77 -12.50 12.45
CA HIS A 511 -17.09 -13.60 13.17
C HIS A 511 -18.02 -14.68 13.70
N THR A 512 -19.31 -14.43 13.73
CA THR A 512 -20.23 -15.41 14.29
C THR A 512 -21.19 -15.95 13.24
N LYS B 45 -27.72 -5.53 4.85
CA LYS B 45 -27.09 -5.77 3.55
C LYS B 45 -27.02 -7.26 3.25
N TYR B 46 -27.73 -7.69 2.21
CA TYR B 46 -27.75 -9.12 1.89
C TYR B 46 -26.40 -9.62 1.43
N ARG B 47 -25.92 -10.63 2.13
CA ARG B 47 -24.68 -11.25 1.74
C ARG B 47 -24.75 -12.76 1.74
N ARG B 48 -24.47 -13.28 0.56
CA ARG B 48 -24.32 -14.74 0.36
CA ARG B 48 -24.12 -14.66 0.26
C ARG B 48 -23.43 -15.39 1.43
N GLU B 49 -23.32 -16.71 1.38
CA GLU B 49 -22.62 -17.39 2.47
C GLU B 49 -21.09 -17.28 2.25
N ALA B 50 -20.34 -17.20 3.36
CA ALA B 50 -18.91 -16.85 3.38
C ALA B 50 -18.05 -17.69 2.43
N TYR B 51 -18.27 -19.00 2.47
CA TYR B 51 -17.49 -19.91 1.66
C TYR B 51 -17.91 -19.83 0.19
N HIS B 52 -19.05 -19.20 -0.06
CA HIS B 52 -19.54 -19.06 -1.41
C HIS B 52 -19.26 -17.67 -2.02
N ARG B 53 -18.56 -16.81 -1.31
CA ARG B 53 -18.55 -15.42 -1.73
C ARG B 53 -17.40 -15.08 -2.67
N VAL B 54 -17.69 -14.21 -3.61
CA VAL B 54 -16.64 -13.57 -4.38
C VAL B 54 -16.41 -12.22 -3.71
N PHE B 55 -15.14 -11.89 -3.51
CA PHE B 55 -14.79 -10.62 -2.87
C PHE B 55 -14.24 -9.60 -3.86
N VAL B 56 -14.54 -8.34 -3.59
CA VAL B 56 -14.33 -7.28 -4.59
C VAL B 56 -13.36 -6.19 -4.14
N ASN B 57 -12.28 -6.02 -4.90
CA ASN B 57 -11.33 -4.90 -4.68
C ASN B 57 -11.67 -3.70 -5.55
N ARG B 58 -11.94 -3.97 -6.82
CA ARG B 58 -12.32 -2.95 -7.76
C ARG B 58 -13.63 -3.38 -8.36
N SER B 59 -14.57 -2.45 -8.47
CA SER B 59 -15.90 -2.78 -8.95
C SER B 59 -15.86 -3.32 -10.36
N LEU B 60 -16.78 -4.24 -10.67
CA LEU B 60 -16.86 -4.85 -11.99
C LEU B 60 -18.27 -5.24 -12.37
N ALA B 61 -18.73 -4.78 -13.53
CA ALA B 61 -20.03 -5.17 -14.04
C ALA B 61 -19.91 -6.41 -14.92
N MET B 62 -20.35 -7.54 -14.38
CA MET B 62 -20.21 -8.84 -15.04
C MET B 62 -20.95 -8.87 -16.39
N GLU B 63 -22.05 -8.13 -16.44
CA GLU B 63 -22.80 -7.90 -17.68
C GLU B 63 -21.92 -7.53 -18.88
N LYS B 64 -20.86 -6.77 -18.65
CA LYS B 64 -20.01 -6.29 -19.75
C LYS B 64 -18.81 -7.18 -20.03
N ILE B 65 -18.82 -8.41 -19.53
CA ILE B 65 -17.73 -9.35 -19.80
C ILE B 65 -18.02 -10.23 -21.03
N LYS B 66 -17.09 -10.25 -21.98
CA LYS B 66 -17.28 -10.96 -23.25
C LYS B 66 -16.59 -12.31 -23.20
N CYS B 67 -15.47 -12.39 -22.50
CA CYS B 67 -14.73 -13.64 -22.40
C CYS B 67 -14.31 -14.03 -21.01
N PHE B 68 -14.27 -15.33 -20.76
CA PHE B 68 -13.69 -15.84 -19.55
C PHE B 68 -12.42 -16.58 -19.92
N GLY B 69 -11.31 -16.17 -19.32
CA GLY B 69 -10.06 -16.86 -19.54
C GLY B 69 -9.63 -17.68 -18.34
N PHE B 70 -9.03 -18.83 -18.60
CA PHE B 70 -8.71 -19.76 -17.53
C PHE B 70 -7.30 -20.23 -17.55
N ASP B 71 -6.69 -20.08 -16.38
CA ASP B 71 -5.45 -20.73 -16.01
C ASP B 71 -5.81 -22.19 -15.64
N MET B 72 -4.93 -23.15 -15.90
CA MET B 72 -5.23 -24.53 -15.52
C MET B 72 -4.66 -24.88 -14.16
N ASP B 73 -3.33 -24.95 -14.05
CA ASP B 73 -2.64 -25.37 -12.81
C ASP B 73 -2.93 -24.50 -11.61
N TYR B 74 -3.56 -25.10 -10.61
CA TYR B 74 -3.93 -24.47 -9.34
C TYR B 74 -5.07 -23.49 -9.51
N THR B 75 -5.64 -23.47 -10.70
CA THR B 75 -6.87 -22.75 -10.96
C THR B 75 -7.94 -23.78 -11.31
N LEU B 76 -7.99 -24.19 -12.58
CA LEU B 76 -8.92 -25.24 -13.00
C LEU B 76 -8.59 -26.55 -12.33
N ALA B 77 -7.30 -26.85 -12.25
CA ALA B 77 -6.81 -28.06 -11.58
C ALA B 77 -6.18 -27.74 -10.22
N VAL B 78 -6.99 -27.84 -9.17
CA VAL B 78 -6.49 -27.59 -7.84
C VAL B 78 -5.84 -28.86 -7.29
N TYR B 79 -4.55 -28.77 -6.95
CA TYR B 79 -3.84 -29.92 -6.42
C TYR B 79 -4.15 -30.07 -4.94
N LYS B 80 -4.39 -31.30 -4.51
CA LYS B 80 -4.75 -31.61 -3.13
C LYS B 80 -3.62 -31.31 -2.11
N SER B 81 -4.00 -30.70 -0.99
CA SER B 81 -3.04 -30.43 0.08
C SER B 81 -3.29 -31.35 1.27
N PRO B 82 -2.22 -31.87 1.88
CA PRO B 82 -0.81 -31.52 1.60
C PRO B 82 -0.10 -32.48 0.64
N GLU B 83 -0.84 -33.38 0.01
CA GLU B 83 -0.26 -34.43 -0.82
C GLU B 83 0.68 -33.91 -1.89
N TYR B 84 0.18 -33.00 -2.72
CA TYR B 84 0.97 -32.48 -3.85
C TYR B 84 2.25 -31.74 -3.39
N GLU B 85 2.11 -30.84 -2.42
CA GLU B 85 3.24 -30.16 -1.82
C GLU B 85 4.31 -31.16 -1.40
N SER B 86 3.88 -32.21 -0.72
CA SER B 86 4.79 -33.24 -0.23
C SER B 86 5.52 -33.91 -1.37
N LEU B 87 4.80 -34.19 -2.45
CA LEU B 87 5.40 -34.83 -3.61
C LEU B 87 6.54 -33.97 -4.16
N GLY B 88 6.26 -32.68 -4.34
CA GLY B 88 7.25 -31.72 -4.79
C GLY B 88 8.41 -31.66 -3.82
N PHE B 89 8.10 -31.58 -2.53
CA PHE B 89 9.17 -31.55 -1.52
C PHE B 89 10.13 -32.75 -1.66
N GLU B 90 9.59 -33.96 -1.73
CA GLU B 90 10.41 -35.17 -1.87
C GLU B 90 11.24 -35.15 -3.15
N LEU B 91 10.59 -34.86 -4.27
CA LEU B 91 11.24 -34.93 -5.56
C LEU B 91 12.35 -33.91 -5.61
N THR B 92 12.12 -32.80 -4.93
CA THR B 92 13.12 -31.73 -4.89
C THR B 92 14.33 -32.16 -4.09
N VAL B 93 14.08 -32.58 -2.84
CA VAL B 93 15.10 -33.14 -1.96
C VAL B 93 15.95 -34.24 -2.60
N GLU B 94 15.31 -35.19 -3.27
CA GLU B 94 16.02 -36.27 -3.95
C GLU B 94 16.90 -35.74 -5.06
N ARG B 95 16.46 -34.66 -5.69
CA ARG B 95 17.27 -34.07 -6.73
C ARG B 95 18.49 -33.46 -6.07
N LEU B 96 18.28 -32.73 -4.98
CA LEU B 96 19.41 -32.10 -4.30
C LEU B 96 20.44 -33.14 -3.90
N VAL B 97 19.99 -34.26 -3.34
CA VAL B 97 20.93 -35.29 -2.91
C VAL B 97 21.71 -35.84 -4.09
N SER B 98 21.03 -36.03 -5.21
CA SER B 98 21.65 -36.59 -6.38
C SER B 98 22.78 -35.73 -6.88
N ILE B 99 22.66 -34.41 -6.71
CA ILE B 99 23.74 -33.50 -7.11
C ILE B 99 24.65 -33.10 -5.94
N GLY B 100 24.65 -33.88 -4.86
CA GLY B 100 25.69 -33.75 -3.85
C GLY B 100 25.36 -33.30 -2.43
N TYR B 101 24.09 -33.05 -2.15
CA TYR B 101 23.71 -32.62 -0.80
C TYR B 101 23.75 -33.83 0.13
N PRO B 102 23.96 -33.59 1.43
CA PRO B 102 23.99 -34.64 2.43
C PRO B 102 22.77 -35.57 2.35
N GLN B 103 22.95 -36.78 2.85
CA GLN B 103 21.92 -37.82 2.75
C GLN B 103 20.92 -37.64 3.88
N GLU B 104 21.28 -36.82 4.85
CA GLU B 104 20.35 -36.52 5.92
C GLU B 104 19.09 -35.83 5.36
N LEU B 105 19.23 -35.13 4.24
CA LEU B 105 18.11 -34.47 3.58
C LEU B 105 17.02 -35.46 3.24
N LEU B 106 17.41 -36.69 2.89
CA LEU B 106 16.47 -37.73 2.47
C LEU B 106 15.43 -38.12 3.52
N SER B 107 15.64 -37.74 4.78
CA SER B 107 14.68 -38.09 5.83
C SER B 107 13.84 -36.91 6.34
N PHE B 108 13.89 -35.77 5.64
CA PHE B 108 12.99 -34.68 5.96
C PHE B 108 11.58 -35.10 5.57
N ALA B 109 10.58 -34.57 6.26
CA ALA B 109 9.20 -34.77 5.89
C ALA B 109 8.50 -33.41 5.80
N TYR B 110 7.90 -33.12 4.64
CA TYR B 110 7.17 -31.87 4.46
C TYR B 110 6.14 -31.70 5.53
N ASP B 111 6.17 -30.55 6.18
CA ASP B 111 5.24 -30.25 7.27
C ASP B 111 4.36 -29.08 6.91
N SER B 112 3.10 -29.34 6.55
CA SER B 112 2.26 -28.28 5.98
C SER B 112 1.86 -27.21 6.99
N THR B 113 2.19 -27.39 8.25
CA THR B 113 1.80 -26.39 9.22
C THR B 113 2.88 -25.34 9.44
N PHE B 114 4.01 -25.46 8.75
CA PHE B 114 5.02 -24.42 8.86
C PHE B 114 4.82 -23.26 7.86
N PRO B 115 4.89 -23.52 6.55
CA PRO B 115 4.94 -22.34 5.69
C PRO B 115 3.60 -21.60 5.47
N THR B 116 3.61 -20.28 5.26
CA THR B 116 2.51 -19.68 4.54
C THR B 116 3.07 -19.00 3.31
N ARG B 117 2.21 -18.76 2.35
CA ARG B 117 2.64 -18.23 1.08
C ARG B 117 3.04 -16.76 1.24
N GLY B 118 3.91 -16.30 0.35
CA GLY B 118 4.28 -14.90 0.35
C GLY B 118 5.42 -14.48 1.25
N LEU B 119 6.18 -15.45 1.76
CA LEU B 119 7.32 -15.14 2.60
C LEU B 119 8.47 -14.64 1.77
N VAL B 120 9.40 -13.97 2.45
CA VAL B 120 10.56 -13.41 1.80
C VAL B 120 11.80 -14.07 2.33
N PHE B 121 12.59 -14.65 1.43
CA PHE B 121 13.87 -15.23 1.81
C PHE B 121 15.00 -14.19 1.60
N ASP B 122 15.76 -13.97 2.68
CA ASP B 122 16.95 -13.16 2.67
C ASP B 122 18.15 -14.07 2.40
N THR B 123 18.68 -13.97 1.21
CA THR B 123 19.80 -14.83 0.86
C THR B 123 21.07 -14.43 1.54
N LEU B 124 21.10 -13.24 2.15
CA LEU B 124 22.31 -12.77 2.81
C LEU B 124 22.42 -13.41 4.18
N TYR B 125 21.35 -13.38 4.94
CA TYR B 125 21.43 -13.85 6.31
C TYR B 125 20.75 -15.19 6.48
N GLY B 126 20.11 -15.65 5.41
CA GLY B 126 19.44 -16.93 5.42
C GLY B 126 18.15 -16.94 6.21
N ASN B 127 17.41 -15.83 6.23
CA ASN B 127 16.16 -15.79 7.03
C ASN B 127 14.91 -15.88 6.19
N LEU B 128 13.87 -16.49 6.73
CA LEU B 128 12.57 -16.36 6.14
C LEU B 128 11.86 -15.21 6.83
N LEU B 129 11.41 -14.25 6.03
CA LEU B 129 10.78 -13.05 6.57
C LEU B 129 9.34 -12.95 6.16
N LYS B 130 8.48 -12.74 7.14
CA LYS B 130 7.11 -12.26 6.90
C LYS B 130 7.13 -10.75 7.09
N VAL B 131 6.86 -9.98 6.04
CA VAL B 131 6.88 -8.52 6.15
C VAL B 131 5.57 -7.89 5.78
N ASP B 132 5.42 -6.61 6.09
CA ASP B 132 4.14 -5.98 5.84
C ASP B 132 4.24 -5.32 4.48
N ALA B 133 3.10 -4.75 4.04
CA ALA B 133 2.97 -4.04 2.76
C ALA B 133 4.11 -3.08 2.38
N TYR B 134 4.79 -2.52 3.39
CA TYR B 134 5.79 -1.51 3.15
C TYR B 134 7.23 -1.99 3.42
N GLY B 135 7.41 -3.18 3.99
CA GLY B 135 8.76 -3.72 4.16
C GLY B 135 9.20 -3.92 5.60
N ASN B 136 8.30 -3.59 6.52
CA ASN B 136 8.53 -3.82 7.94
C ASN B 136 8.45 -5.29 8.32
N LEU B 137 9.45 -5.77 9.05
CA LEU B 137 9.46 -7.15 9.49
C LEU B 137 8.31 -7.43 10.45
N LEU B 138 7.68 -8.58 10.26
CA LEU B 138 6.66 -9.06 11.17
C LEU B 138 7.17 -10.31 11.85
N VAL B 139 7.70 -11.23 11.03
CA VAL B 139 8.25 -12.48 11.53
C VAL B 139 9.58 -12.75 10.86
N CYS B 140 10.54 -13.24 11.63
CA CYS B 140 11.85 -13.52 11.09
C CYS B 140 12.39 -14.84 11.61
N ALA B 141 12.39 -15.86 10.77
CA ALA B 141 12.81 -17.18 11.23
C ALA B 141 14.09 -17.61 10.53
N HIS B 142 15.10 -17.94 11.34
CA HIS B 142 16.36 -18.52 10.86
C HIS B 142 16.28 -19.99 11.20
N GLY B 143 16.30 -20.85 10.17
CA GLY B 143 15.95 -22.25 10.35
C GLY B 143 14.59 -22.31 11.02
N PHE B 144 14.52 -22.94 12.19
CA PHE B 144 13.24 -22.99 12.91
C PHE B 144 13.32 -22.20 14.19
N ASN B 145 14.26 -21.26 14.24
CA ASN B 145 14.40 -20.38 15.39
C ASN B 145 13.79 -19.03 15.01
N PHE B 146 12.70 -18.67 15.67
CA PHE B 146 12.03 -17.40 15.36
C PHE B 146 12.63 -16.28 16.17
N ILE B 147 13.42 -15.44 15.50
CA ILE B 147 14.27 -14.43 16.12
C ILE B 147 13.58 -13.25 16.81
N ARG B 148 12.52 -12.71 16.21
CA ARG B 148 12.10 -11.32 16.51
C ARG B 148 11.87 -10.89 17.97
N GLY B 149 12.33 -9.67 18.20
CA GLY B 149 12.19 -8.93 19.42
C GLY B 149 13.25 -7.88 19.15
N PRO B 150 13.89 -7.38 20.21
CA PRO B 150 15.01 -6.47 20.03
C PRO B 150 16.18 -7.07 19.24
N GLU B 151 16.38 -8.38 19.37
CA GLU B 151 17.58 -9.03 18.83
C GLU B 151 17.54 -9.08 17.28
N THR B 152 16.46 -8.52 16.73
CA THR B 152 16.27 -8.39 15.29
C THR B 152 17.11 -7.27 14.71
N ARG B 153 17.31 -6.22 15.50
CA ARG B 153 17.94 -5.02 14.98
C ARG B 153 19.43 -5.24 14.76
N GLU B 154 19.94 -6.38 15.25
CA GLU B 154 21.35 -6.68 15.06
C GLU B 154 21.56 -7.03 13.60
N GLN B 155 20.52 -7.55 12.97
CA GLN B 155 20.59 -7.84 11.53
C GLN B 155 19.72 -6.93 10.69
N TYR B 156 18.56 -6.55 11.23
CA TYR B 156 17.73 -5.57 10.55
C TYR B 156 17.52 -4.40 11.44
N PRO B 157 18.49 -3.47 11.43
CA PRO B 157 18.26 -2.17 12.05
C PRO B 157 17.06 -1.56 11.37
N ASN B 158 16.26 -0.86 12.17
CA ASN B 158 14.96 -0.39 11.73
C ASN B 158 13.95 -1.47 11.32
N LYS B 159 14.24 -2.74 11.61
CA LYS B 159 13.31 -3.85 11.40
C LYS B 159 12.63 -3.81 10.02
N PHE B 160 13.44 -3.54 9.00
CA PHE B 160 12.95 -3.09 7.71
C PHE B 160 13.78 -3.68 6.58
N ILE B 161 13.12 -4.07 5.50
CA ILE B 161 13.83 -4.46 4.28
C ILE B 161 13.34 -3.71 3.06
N GLN B 162 14.25 -3.55 2.12
CA GLN B 162 13.99 -2.96 0.82
C GLN B 162 13.63 -4.03 -0.21
N ARG B 163 12.34 -4.24 -0.48
CA ARG B 163 11.92 -5.24 -1.49
C ARG B 163 12.66 -5.05 -2.81
N ASP B 164 13.10 -3.80 -3.07
CA ASP B 164 13.76 -3.41 -4.31
C ASP B 164 14.98 -4.25 -4.66
N ASP B 165 15.60 -4.82 -3.63
CA ASP B 165 16.89 -5.48 -3.77
C ASP B 165 16.73 -6.93 -4.21
N THR B 166 16.26 -7.13 -5.43
CA THR B 166 15.98 -8.47 -5.95
C THR B 166 17.23 -9.34 -5.93
N GLU B 167 18.36 -8.72 -5.61
CA GLU B 167 19.62 -9.41 -5.63
C GLU B 167 19.72 -10.15 -4.30
N ARG B 168 19.10 -9.55 -3.28
CA ARG B 168 19.18 -10.10 -1.95
C ARG B 168 17.96 -10.92 -1.53
N PHE B 169 16.78 -10.38 -1.77
CA PHE B 169 15.53 -10.94 -1.27
C PHE B 169 14.72 -11.57 -2.37
N TYR B 170 14.05 -12.67 -2.07
CA TYR B 170 13.24 -13.33 -3.07
C TYR B 170 11.86 -13.59 -2.50
N ILE B 171 10.86 -12.97 -3.12
CA ILE B 171 9.50 -13.17 -2.65
C ILE B 171 9.00 -14.51 -3.16
N LEU B 172 8.57 -15.37 -2.23
CA LEU B 172 8.00 -16.66 -2.57
C LEU B 172 6.48 -16.58 -2.62
N ASN B 173 5.97 -16.19 -3.79
CA ASN B 173 4.58 -15.84 -4.02
C ASN B 173 3.65 -17.01 -4.35
N THR B 174 4.15 -17.92 -5.17
CA THR B 174 3.30 -18.92 -5.79
C THR B 174 3.09 -20.16 -4.93
N LEU B 175 2.00 -20.89 -5.18
CA LEU B 175 1.70 -22.13 -4.47
C LEU B 175 2.74 -23.23 -4.74
N PHE B 176 3.55 -23.05 -5.79
CA PHE B 176 4.64 -23.97 -6.07
C PHE B 176 5.86 -23.69 -5.19
N ASN B 177 5.90 -22.51 -4.57
CA ASN B 177 6.98 -22.21 -3.66
C ASN B 177 6.72 -22.69 -2.25
N LEU B 178 5.56 -23.30 -2.01
CA LEU B 178 5.29 -23.79 -0.67
C LEU B 178 6.32 -24.87 -0.25
N PRO B 179 6.53 -25.92 -1.08
CA PRO B 179 7.56 -26.88 -0.71
C PRO B 179 8.89 -26.21 -0.41
N GLU B 180 9.40 -25.37 -1.30
CA GLU B 180 10.74 -24.80 -1.10
C GLU B 180 10.77 -23.82 0.04
N THR B 181 9.60 -23.34 0.45
CA THR B 181 9.59 -22.45 1.60
C THR B 181 9.98 -23.25 2.80
N TYR B 182 9.30 -24.36 2.97
CA TYR B 182 9.64 -25.23 4.06
C TYR B 182 11.05 -25.79 3.91
N LEU B 183 11.43 -26.16 2.69
CA LEU B 183 12.72 -26.78 2.52
C LEU B 183 13.83 -25.81 2.95
N LEU B 184 13.68 -24.54 2.60
CA LEU B 184 14.71 -23.55 2.91
C LEU B 184 14.97 -23.44 4.42
N ALA B 185 13.88 -23.41 5.20
CA ALA B 185 13.96 -23.39 6.66
C ALA B 185 14.52 -24.68 7.23
N CYS B 186 14.33 -25.79 6.53
CA CYS B 186 14.89 -27.09 6.92
C CYS B 186 16.40 -27.16 6.74
N LEU B 187 16.86 -26.73 5.57
CA LEU B 187 18.28 -26.76 5.29
C LEU B 187 19.01 -25.81 6.21
N VAL B 188 18.45 -24.62 6.44
CA VAL B 188 19.15 -23.68 7.28
C VAL B 188 19.16 -24.27 8.67
N ASP B 189 18.05 -24.86 9.09
CA ASP B 189 18.07 -25.48 10.41
C ASP B 189 19.10 -26.61 10.49
N PHE B 190 19.17 -27.44 9.45
CA PHE B 190 20.07 -28.58 9.46
C PHE B 190 21.52 -28.18 9.52
N PHE B 191 21.96 -27.37 8.58
CA PHE B 191 23.36 -26.97 8.52
C PHE B 191 23.81 -26.24 9.78
N THR B 192 22.93 -25.37 10.27
CA THR B 192 23.11 -24.66 11.54
C THR B 192 23.36 -25.58 12.74
N ASN B 193 22.56 -26.65 12.86
CA ASN B 193 22.64 -27.52 14.03
C ASN B 193 23.38 -28.84 13.80
N CYS B 194 24.04 -28.99 12.66
CA CYS B 194 24.80 -30.20 12.43
C CYS B 194 26.30 -29.97 12.69
N PRO B 195 26.90 -30.82 13.52
CA PRO B 195 28.27 -30.64 14.04
C PRO B 195 29.31 -30.81 12.96
N ARG B 196 28.91 -31.38 11.84
CA ARG B 196 29.82 -31.49 10.71
C ARG B 196 30.00 -30.11 10.07
N TYR B 197 29.17 -29.14 10.47
CA TYR B 197 29.16 -27.81 9.86
C TYR B 197 29.23 -26.61 10.84
N THR B 198 30.09 -25.63 10.53
CA THR B 198 30.21 -24.40 11.32
C THR B 198 29.45 -23.19 10.72
N SER B 199 28.56 -22.63 11.52
CA SER B 199 27.67 -21.53 11.13
C SER B 199 28.33 -20.17 10.98
N CYS B 200 27.99 -19.48 9.90
CA CYS B 200 28.52 -18.15 9.66
C CYS B 200 27.38 -17.16 9.42
N GLU B 201 27.71 -15.87 9.44
CA GLU B 201 26.70 -14.82 9.26
C GLU B 201 25.96 -15.01 7.95
N THR B 202 26.70 -15.36 6.90
CA THR B 202 26.13 -15.46 5.56
C THR B 202 26.17 -16.87 4.96
N GLY B 203 26.40 -17.88 5.80
CA GLY B 203 26.45 -19.24 5.29
C GLY B 203 27.04 -20.21 6.29
N PHE B 204 27.60 -21.29 5.78
CA PHE B 204 28.17 -22.30 6.65
C PHE B 204 29.40 -22.92 6.01
N LYS B 205 30.30 -23.41 6.85
CA LYS B 205 31.49 -24.09 6.35
C LYS B 205 31.46 -25.59 6.57
N ASP B 206 31.90 -26.30 5.54
CA ASP B 206 32.15 -27.73 5.63
C ASP B 206 33.65 -27.92 5.64
N GLY B 207 34.23 -28.02 6.83
CA GLY B 207 35.67 -27.85 6.93
C GLY B 207 35.86 -26.36 6.79
N ASP B 208 36.55 -25.93 5.73
CA ASP B 208 36.59 -24.50 5.40
C ASP B 208 36.18 -24.46 3.90
N LEU B 209 35.24 -25.34 3.55
CA LEU B 209 34.53 -25.18 2.29
C LEU B 209 33.39 -24.25 2.65
N PHE B 210 33.16 -23.20 1.89
CA PHE B 210 32.13 -22.31 2.33
C PHE B 210 31.02 -22.28 1.34
N MET B 211 29.82 -22.25 1.90
CA MET B 211 28.58 -22.19 1.17
C MET B 211 27.76 -21.02 1.64
N SER B 212 27.60 -20.01 0.82
CA SER B 212 26.70 -18.94 1.18
C SER B 212 25.25 -19.43 1.07
N TYR B 213 24.38 -18.82 1.87
CA TYR B 213 22.96 -19.05 1.74
C TYR B 213 22.45 -18.64 0.35
N ARG B 214 23.04 -17.59 -0.23
CA ARG B 214 22.67 -17.17 -1.59
C ARG B 214 22.88 -18.34 -2.53
N SER B 215 24.04 -18.98 -2.43
CA SER B 215 24.36 -20.13 -3.27
C SER B 215 23.43 -21.31 -3.00
N MET B 216 23.15 -21.55 -1.72
CA MET B 216 22.26 -22.64 -1.32
C MET B 216 20.87 -22.42 -1.92
N PHE B 217 20.38 -21.20 -1.75
CA PHE B 217 19.06 -20.85 -2.20
C PHE B 217 18.94 -21.07 -3.70
N GLN B 218 19.95 -20.65 -4.45
CA GLN B 218 19.90 -20.86 -5.90
C GLN B 218 19.83 -22.36 -6.26
N ASP B 219 20.61 -23.19 -5.56
CA ASP B 219 20.51 -24.61 -5.75
C ASP B 219 19.08 -25.09 -5.51
N VAL B 220 18.45 -24.56 -4.45
CA VAL B 220 17.12 -25.02 -4.08
C VAL B 220 16.10 -24.60 -5.14
N ARG B 221 16.23 -23.34 -5.55
CA ARG B 221 15.45 -22.78 -6.61
C ARG B 221 15.65 -23.57 -7.90
N ASP B 222 16.91 -23.89 -8.23
CA ASP B 222 17.19 -24.66 -9.44
C ASP B 222 16.64 -26.08 -9.33
N ALA B 223 16.70 -26.69 -8.15
CA ALA B 223 16.17 -28.05 -7.97
C ALA B 223 14.67 -28.14 -8.26
N VAL B 224 13.89 -27.23 -7.68
CA VAL B 224 12.46 -27.15 -7.95
C VAL B 224 12.21 -27.03 -9.44
N ASP B 225 12.89 -26.08 -10.07
CA ASP B 225 12.76 -25.85 -11.52
C ASP B 225 13.03 -27.13 -12.29
N TRP B 226 14.15 -27.77 -11.96
CA TRP B 226 14.52 -29.00 -12.61
C TRP B 226 13.40 -30.02 -12.47
N VAL B 227 12.88 -30.13 -11.26
CA VAL B 227 11.84 -31.09 -10.98
C VAL B 227 10.60 -30.87 -11.83
N HIS B 228 10.23 -29.61 -12.05
CA HIS B 228 9.08 -29.31 -12.89
C HIS B 228 9.35 -29.46 -14.39
N TYR B 229 10.58 -29.21 -14.83
CA TYR B 229 10.87 -29.17 -16.27
C TYR B 229 11.57 -30.41 -16.83
N LYS B 230 12.34 -31.11 -16.02
CA LYS B 230 13.06 -32.32 -16.46
C LYS B 230 12.71 -33.50 -15.56
N GLY B 231 12.19 -33.17 -14.37
CA GLY B 231 11.90 -34.16 -13.35
C GLY B 231 10.61 -34.92 -13.58
N SER B 232 10.21 -35.67 -12.57
CA SER B 232 9.07 -36.58 -12.68
C SER B 232 7.86 -36.09 -11.91
N LEU B 233 7.75 -34.79 -11.65
CA LEU B 233 6.58 -34.29 -10.96
C LEU B 233 5.33 -34.52 -11.80
N LYS B 234 5.36 -34.12 -13.06
CA LYS B 234 4.18 -34.29 -13.89
C LYS B 234 3.76 -35.76 -14.00
N GLU B 235 4.69 -36.69 -14.23
CA GLU B 235 4.24 -38.07 -14.48
C GLU B 235 3.77 -38.75 -13.22
N LYS B 236 4.42 -38.49 -12.10
CA LYS B 236 3.96 -39.05 -10.84
C LYS B 236 2.58 -38.51 -10.50
N THR B 237 2.23 -37.32 -10.97
CA THR B 237 0.90 -36.78 -10.74
C THR B 237 -0.14 -37.46 -11.63
N VAL B 238 0.09 -37.55 -12.92
CA VAL B 238 -0.91 -38.15 -13.79
C VAL B 238 -1.04 -39.66 -13.50
N GLU B 239 0.00 -40.28 -12.90
CA GLU B 239 -0.10 -41.69 -12.55
C GLU B 239 -1.02 -41.89 -11.34
N ASN B 240 -1.37 -40.82 -10.63
CA ASN B 240 -2.30 -40.98 -9.51
C ASN B 240 -3.19 -39.73 -9.31
N LEU B 241 -4.01 -39.43 -10.31
CA LEU B 241 -4.77 -38.19 -10.31
C LEU B 241 -5.75 -38.04 -9.15
N GLU B 242 -6.29 -39.14 -8.64
CA GLU B 242 -7.25 -38.96 -7.56
C GLU B 242 -6.58 -38.62 -6.25
N LYS B 243 -5.28 -38.96 -6.12
CA LYS B 243 -4.50 -38.64 -4.94
C LYS B 243 -4.05 -37.17 -4.94
N TYR B 244 -3.86 -36.62 -6.13
CA TYR B 244 -3.20 -35.34 -6.26
C TYR B 244 -4.10 -34.20 -6.68
N VAL B 245 -5.21 -34.51 -7.35
CA VAL B 245 -6.02 -33.46 -7.97
C VAL B 245 -7.50 -33.53 -7.62
N VAL B 246 -8.03 -32.42 -7.12
CA VAL B 246 -9.43 -32.29 -6.78
C VAL B 246 -10.31 -32.30 -8.02
N LYS B 247 -11.52 -32.83 -7.90
CA LYS B 247 -12.45 -32.71 -9.00
C LYS B 247 -13.87 -32.41 -8.49
N ASP B 248 -14.61 -31.61 -9.26
CA ASP B 248 -15.89 -31.09 -8.82
C ASP B 248 -16.93 -31.16 -9.93
N GLY B 249 -18.04 -31.80 -9.64
CA GLY B 249 -19.10 -31.96 -10.61
C GLY B 249 -19.66 -30.63 -11.07
N LYS B 250 -19.26 -29.56 -10.39
CA LYS B 250 -19.70 -28.22 -10.74
C LYS B 250 -18.80 -27.53 -11.78
N LEU B 251 -17.62 -28.08 -12.05
CA LEU B 251 -16.76 -27.43 -13.03
C LEU B 251 -17.42 -27.33 -14.41
N PRO B 252 -18.03 -28.43 -14.92
CA PRO B 252 -18.76 -28.36 -16.20
C PRO B 252 -19.96 -27.45 -16.13
N LEU B 253 -20.67 -27.49 -15.00
CA LEU B 253 -21.86 -26.66 -14.86
C LEU B 253 -21.47 -25.20 -15.11
N LEU B 254 -20.43 -24.73 -14.44
CA LEU B 254 -20.03 -23.33 -14.55
C LEU B 254 -19.57 -22.99 -15.95
N LEU B 255 -18.64 -23.77 -16.48
CA LEU B 255 -18.03 -23.45 -17.76
C LEU B 255 -19.06 -23.47 -18.88
N SER B 256 -20.07 -24.32 -18.76
CA SER B 256 -21.06 -24.38 -19.81
C SER B 256 -22.00 -23.19 -19.71
N ARG B 257 -22.38 -22.81 -18.49
CA ARG B 257 -23.20 -21.63 -18.31
C ARG B 257 -22.44 -20.42 -18.81
N MET B 258 -21.12 -20.41 -18.58
CA MET B 258 -20.30 -19.31 -19.05
C MET B 258 -20.32 -19.21 -20.57
N LYS B 259 -20.34 -20.35 -21.25
CA LYS B 259 -20.25 -20.39 -22.71
C LYS B 259 -21.55 -19.93 -23.38
N GLU B 260 -22.62 -19.91 -22.61
CA GLU B 260 -23.92 -19.49 -23.09
C GLU B 260 -24.02 -17.98 -23.17
N VAL B 261 -23.16 -17.29 -22.44
CA VAL B 261 -23.23 -15.83 -22.38
C VAL B 261 -21.95 -15.12 -22.89
N GLY B 262 -20.91 -15.88 -23.23
CA GLY B 262 -19.64 -15.32 -23.66
C GLY B 262 -18.62 -16.35 -24.08
N LYS B 263 -17.48 -15.90 -24.58
CA LYS B 263 -16.48 -16.86 -25.05
C LYS B 263 -15.65 -17.38 -23.87
N VAL B 264 -15.13 -18.59 -24.00
CA VAL B 264 -14.36 -19.21 -22.94
C VAL B 264 -13.07 -19.73 -23.53
N PHE B 265 -11.94 -19.34 -22.96
CA PHE B 265 -10.70 -19.88 -23.49
C PHE B 265 -9.87 -20.40 -22.36
N LEU B 266 -8.93 -21.24 -22.75
CA LEU B 266 -7.97 -21.82 -21.85
C LEU B 266 -6.61 -21.36 -22.29
N ALA B 267 -5.88 -20.76 -21.35
CA ALA B 267 -4.53 -20.27 -21.60
C ALA B 267 -3.63 -20.74 -20.49
N THR B 268 -2.95 -21.86 -20.72
CA THR B 268 -2.15 -22.48 -19.69
C THR B 268 -0.70 -22.54 -20.12
N ASN B 269 0.20 -22.56 -19.12
CA ASN B 269 1.64 -22.67 -19.36
C ASN B 269 2.08 -24.12 -19.62
N SER B 270 1.22 -25.08 -19.31
CA SER B 270 1.53 -26.48 -19.56
C SER B 270 1.51 -26.84 -21.05
N ASP B 271 1.92 -28.07 -21.35
CA ASP B 271 1.86 -28.59 -22.71
C ASP B 271 0.52 -29.31 -22.94
N TYR B 272 0.28 -29.71 -24.19
CA TYR B 272 -0.99 -30.35 -24.48
C TYR B 272 -1.07 -31.71 -23.83
N LYS B 273 0.00 -32.50 -23.90
CA LYS B 273 -0.05 -33.85 -23.35
C LYS B 273 -0.45 -33.85 -21.90
N TYR B 274 0.11 -32.93 -21.12
CA TYR B 274 -0.22 -32.84 -19.69
C TYR B 274 -1.64 -32.29 -19.50
N THR B 275 -1.92 -31.20 -20.22
CA THR B 275 -3.23 -30.58 -20.18
C THR B 275 -4.30 -31.59 -20.51
N ASP B 276 -4.07 -32.39 -21.55
CA ASP B 276 -5.04 -33.40 -21.96
C ASP B 276 -5.34 -34.35 -20.83
N LYS B 277 -4.28 -34.89 -20.25
CA LYS B 277 -4.46 -35.83 -19.17
C LYS B 277 -5.18 -35.16 -18.00
N ILE B 278 -4.80 -33.93 -17.70
CA ILE B 278 -5.36 -33.21 -16.57
C ILE B 278 -6.80 -32.80 -16.84
N MET B 279 -7.05 -32.20 -18.00
CA MET B 279 -8.37 -31.71 -18.31
C MET B 279 -9.38 -32.84 -18.48
N THR B 280 -8.92 -34.00 -18.94
CA THR B 280 -9.75 -35.20 -19.04
C THR B 280 -10.23 -35.70 -17.68
N TYR B 281 -9.32 -35.75 -16.73
CA TYR B 281 -9.67 -36.18 -15.38
C TYR B 281 -10.67 -35.22 -14.75
N LEU B 282 -10.38 -33.93 -14.91
CA LEU B 282 -11.22 -32.91 -14.33
C LEU B 282 -12.66 -33.00 -14.82
N PHE B 283 -12.84 -33.46 -16.06
CA PHE B 283 -14.17 -33.55 -16.64
C PHE B 283 -14.74 -34.96 -16.65
N ASP B 284 -14.01 -35.91 -16.08
CA ASP B 284 -14.44 -37.31 -16.13
C ASP B 284 -15.49 -37.62 -15.09
N PHE B 285 -16.74 -37.36 -15.46
CA PHE B 285 -17.89 -37.79 -14.67
C PHE B 285 -18.81 -38.56 -15.60
N PRO B 286 -19.68 -39.42 -15.05
CA PRO B 286 -20.60 -40.18 -15.89
C PRO B 286 -21.65 -39.30 -16.59
N HIS B 287 -21.63 -37.99 -16.36
CA HIS B 287 -22.57 -37.06 -16.99
C HIS B 287 -21.81 -35.89 -17.64
N GLY B 288 -22.55 -34.96 -18.25
CA GLY B 288 -21.99 -33.73 -18.81
C GLY B 288 -22.24 -32.56 -17.86
N PRO B 289 -22.57 -31.39 -18.41
CA PRO B 289 -22.84 -30.16 -17.65
C PRO B 289 -23.63 -30.38 -16.38
N LYS B 290 -24.75 -31.08 -16.51
CA LYS B 290 -25.57 -31.40 -15.36
C LYS B 290 -25.81 -32.89 -15.31
N PRO B 291 -26.18 -33.39 -14.13
CA PRO B 291 -26.59 -34.80 -14.08
C PRO B 291 -27.72 -35.12 -15.06
N GLY B 292 -27.56 -36.21 -15.80
CA GLY B 292 -28.56 -36.62 -16.77
C GLY B 292 -28.09 -36.33 -18.18
N SER B 293 -27.24 -35.32 -18.33
CA SER B 293 -26.77 -34.96 -19.65
C SER B 293 -25.55 -35.77 -20.04
N SER B 294 -25.44 -36.10 -21.32
CA SER B 294 -24.38 -36.96 -21.80
C SER B 294 -23.01 -36.28 -21.70
N HIS B 295 -22.00 -37.09 -21.42
CA HIS B 295 -20.65 -36.59 -21.24
C HIS B 295 -20.11 -36.01 -22.53
N ARG B 296 -19.80 -34.72 -22.51
CA ARG B 296 -19.07 -34.08 -23.58
C ARG B 296 -17.60 -34.07 -23.17
N PRO B 297 -16.70 -34.14 -24.16
CA PRO B 297 -15.26 -33.99 -23.98
C PRO B 297 -14.88 -32.59 -23.53
N TRP B 298 -13.74 -32.46 -22.84
CA TRP B 298 -13.37 -31.19 -22.25
C TRP B 298 -13.04 -30.11 -23.28
N GLN B 299 -12.58 -30.49 -24.46
CA GLN B 299 -12.30 -29.46 -25.46
C GLN B 299 -13.58 -28.72 -25.84
N SER B 300 -14.72 -29.39 -25.72
CA SER B 300 -15.98 -28.80 -26.17
C SER B 300 -16.43 -27.59 -25.31
N TYR B 301 -15.88 -27.45 -24.11
CA TYR B 301 -16.30 -26.38 -23.20
C TYR B 301 -15.53 -25.08 -23.45
N PHE B 302 -14.63 -25.09 -24.44
CA PHE B 302 -13.74 -23.95 -24.70
C PHE B 302 -13.79 -23.46 -26.13
N ASP B 303 -14.13 -22.20 -26.35
CA ASP B 303 -14.01 -21.64 -27.69
C ASP B 303 -12.57 -21.58 -28.21
N LEU B 304 -11.60 -21.51 -27.31
CA LEU B 304 -10.22 -21.42 -27.72
C LEU B 304 -9.37 -22.11 -26.69
N ILE B 305 -8.44 -22.94 -27.14
CA ILE B 305 -7.54 -23.62 -26.23
C ILE B 305 -6.11 -23.29 -26.59
N LEU B 306 -5.35 -22.86 -25.59
CA LEU B 306 -3.97 -22.48 -25.82
C LEU B 306 -3.03 -23.05 -24.76
N VAL B 307 -1.96 -23.67 -25.23
CA VAL B 307 -0.94 -24.25 -24.36
C VAL B 307 0.45 -23.70 -24.69
N ASP B 308 1.45 -24.09 -23.89
CA ASP B 308 2.82 -23.60 -23.99
C ASP B 308 2.86 -22.07 -24.00
N ALA B 309 1.99 -21.43 -23.23
CA ALA B 309 1.77 -20.00 -23.32
C ALA B 309 2.98 -19.10 -22.95
N ARG B 310 3.79 -19.55 -21.99
CA ARG B 310 4.94 -18.79 -21.52
C ARG B 310 4.56 -17.46 -20.93
N LYS B 311 3.52 -17.46 -20.10
CA LYS B 311 3.25 -16.34 -19.18
C LYS B 311 4.44 -16.25 -18.22
N PRO B 312 4.93 -15.04 -17.94
CA PRO B 312 4.36 -13.70 -18.20
C PRO B 312 4.62 -13.10 -19.60
N LEU B 313 5.67 -13.57 -20.26
CA LEU B 313 6.02 -13.14 -21.61
C LEU B 313 4.83 -13.15 -22.56
N PHE B 314 3.96 -14.14 -22.39
CA PHE B 314 2.67 -14.20 -23.06
C PHE B 314 1.96 -12.84 -23.13
N PHE B 315 2.03 -12.11 -22.03
CA PHE B 315 1.26 -10.87 -21.89
C PHE B 315 2.01 -9.71 -22.52
N GLY B 316 3.25 -9.98 -22.92
CA GLY B 316 4.04 -8.99 -23.62
C GLY B 316 4.18 -9.34 -25.07
N GLU B 317 5.42 -9.59 -25.50
CA GLU B 317 5.70 -9.95 -26.88
C GLU B 317 5.22 -11.37 -27.22
N GLY B 318 5.21 -12.23 -26.21
CA GLY B 318 4.79 -13.61 -26.38
C GLY B 318 5.74 -14.30 -27.32
N THR B 319 5.27 -15.36 -27.97
CA THR B 319 6.08 -16.08 -28.93
C THR B 319 5.31 -16.15 -30.24
N VAL B 320 5.85 -16.89 -31.18
CA VAL B 320 5.15 -17.16 -32.42
C VAL B 320 4.01 -18.12 -32.15
N LEU B 321 2.82 -17.77 -32.64
CA LEU B 321 1.68 -18.63 -32.52
C LEU B 321 1.87 -19.87 -33.37
N ARG B 322 1.65 -21.03 -32.77
CA ARG B 322 1.76 -22.29 -33.50
C ARG B 322 0.49 -23.06 -33.28
N GLN B 323 0.36 -24.18 -33.99
CA GLN B 323 -0.86 -24.97 -33.90
C GLN B 323 -0.52 -26.41 -33.57
N VAL B 324 -1.24 -26.96 -32.60
CA VAL B 324 -0.92 -28.28 -32.09
C VAL B 324 -1.62 -29.36 -32.84
N ASP B 325 -0.94 -30.48 -33.06
CA ASP B 325 -1.62 -31.66 -33.56
C ASP B 325 -2.01 -32.57 -32.41
N THR B 326 -3.32 -32.70 -32.19
CA THR B 326 -3.86 -33.50 -31.09
C THR B 326 -3.38 -34.95 -31.12
N LYS B 327 -3.50 -35.54 -32.30
CA LYS B 327 -3.07 -36.90 -32.61
C LYS B 327 -1.64 -37.16 -32.17
N THR B 328 -0.71 -36.35 -32.67
CA THR B 328 0.71 -36.55 -32.41
C THR B 328 1.14 -36.01 -31.05
N GLY B 329 0.56 -34.87 -30.66
CA GLY B 329 0.99 -34.17 -29.45
C GLY B 329 2.01 -33.12 -29.84
N LYS B 330 2.69 -33.38 -30.94
CA LYS B 330 3.72 -32.50 -31.50
C LYS B 330 3.06 -31.33 -32.26
N LEU B 331 3.86 -30.32 -32.59
CA LEU B 331 3.35 -29.16 -33.35
C LEU B 331 3.35 -29.34 -34.85
N LYS B 332 2.36 -28.74 -35.51
CA LYS B 332 2.29 -28.67 -36.97
C LYS B 332 3.39 -27.76 -37.54
N ILE B 333 3.91 -28.14 -38.70
CA ILE B 333 4.93 -27.34 -39.39
C ILE B 333 4.36 -26.02 -39.90
N HIS B 342 -12.44 -22.12 -35.42
CA HIS B 342 -12.13 -23.31 -36.20
C HIS B 342 -12.13 -24.56 -35.30
N GLY B 343 -11.25 -25.53 -35.61
CA GLY B 343 -11.16 -26.78 -34.87
C GLY B 343 -10.27 -26.76 -33.63
N ILE B 344 -9.83 -25.56 -33.23
CA ILE B 344 -9.12 -25.28 -31.95
C ILE B 344 -7.74 -25.97 -31.68
N VAL B 345 -6.92 -25.27 -30.85
CA VAL B 345 -5.72 -25.73 -30.09
C VAL B 345 -4.38 -25.21 -30.61
N TYR B 346 -3.94 -24.15 -29.94
CA TYR B 346 -2.78 -23.37 -30.28
C TYR B 346 -1.63 -23.58 -29.31
N SER B 347 -0.40 -23.32 -29.76
CA SER B 347 0.73 -23.22 -28.86
C SER B 347 1.34 -21.82 -28.94
N GLY B 348 1.84 -21.32 -27.81
CA GLY B 348 2.57 -20.08 -27.79
C GLY B 348 1.71 -18.85 -27.96
N GLY B 349 2.13 -17.97 -28.86
CA GLY B 349 1.38 -16.77 -29.16
C GLY B 349 1.42 -15.73 -28.05
N SER B 350 0.41 -14.88 -28.02
CA SER B 350 0.35 -13.73 -27.12
C SER B 350 -1.07 -13.40 -26.72
N SER B 351 -1.20 -12.58 -25.71
CA SER B 351 -2.51 -12.13 -25.27
C SER B 351 -3.27 -11.38 -26.37
N ASP B 352 -2.54 -10.75 -27.28
CA ASP B 352 -3.19 -10.07 -28.39
C ASP B 352 -3.84 -11.09 -29.29
N THR B 353 -3.08 -12.16 -29.58
CA THR B 353 -3.61 -13.26 -30.36
C THR B 353 -4.96 -13.69 -29.83
N ILE B 354 -5.10 -13.82 -28.52
CA ILE B 354 -6.39 -14.18 -27.96
C ILE B 354 -7.42 -13.12 -28.34
N CYS B 355 -7.03 -11.86 -28.17
CA CYS B 355 -7.98 -10.76 -28.41
C CYS B 355 -8.36 -10.67 -29.87
N ASP B 356 -7.39 -10.88 -30.76
CA ASP B 356 -7.66 -10.88 -32.18
C ASP B 356 -8.63 -11.98 -32.51
N LEU B 357 -8.28 -13.20 -32.13
CA LEU B 357 -9.08 -14.37 -32.49
C LEU B 357 -10.54 -14.35 -31.97
N LEU B 358 -10.77 -13.85 -30.75
CA LEU B 358 -12.13 -13.83 -30.23
C LEU B 358 -12.79 -12.48 -30.44
N GLY B 359 -12.03 -11.52 -30.98
CA GLY B 359 -12.56 -10.19 -31.20
C GLY B 359 -13.05 -9.50 -29.95
N ALA B 360 -12.18 -9.44 -28.95
CA ALA B 360 -12.52 -8.77 -27.70
C ALA B 360 -11.50 -7.68 -27.42
N LYS B 361 -11.84 -6.75 -26.54
CA LYS B 361 -10.85 -5.81 -26.07
C LYS B 361 -10.57 -6.09 -24.60
N GLY B 362 -9.39 -5.68 -24.15
CA GLY B 362 -8.88 -5.96 -22.83
C GLY B 362 -9.91 -5.92 -21.72
N LYS B 363 -10.56 -4.77 -21.59
CA LYS B 363 -11.47 -4.51 -20.49
C LYS B 363 -12.68 -5.41 -20.52
N ASP B 364 -12.87 -6.11 -21.64
CA ASP B 364 -13.98 -7.05 -21.80
C ASP B 364 -13.59 -8.46 -21.46
N ILE B 365 -12.39 -8.67 -20.95
CA ILE B 365 -11.96 -10.02 -20.66
C ILE B 365 -11.69 -10.26 -19.19
N LEU B 366 -12.33 -11.28 -18.63
CA LEU B 366 -12.05 -11.66 -17.24
C LEU B 366 -11.10 -12.83 -17.25
N TYR B 367 -9.88 -12.59 -16.80
CA TYR B 367 -8.89 -13.66 -16.70
C TYR B 367 -8.82 -14.27 -15.31
N ILE B 368 -8.92 -15.60 -15.26
CA ILE B 368 -9.08 -16.34 -14.01
C ILE B 368 -7.87 -17.19 -13.70
N GLY B 369 -7.25 -16.97 -12.55
CA GLY B 369 -6.00 -17.64 -12.29
C GLY B 369 -5.52 -17.51 -10.87
N ASP B 370 -4.46 -18.25 -10.60
CA ASP B 370 -3.92 -18.33 -9.26
C ASP B 370 -2.72 -17.43 -9.11
N HIS B 371 -2.16 -16.98 -10.23
CA HIS B 371 -0.92 -16.22 -10.19
C HIS B 371 -1.09 -14.70 -10.29
N ILE B 372 -0.38 -14.06 -9.37
CA ILE B 372 -0.30 -12.62 -9.22
C ILE B 372 0.78 -12.01 -10.14
N PHE B 373 0.39 -11.46 -11.29
CA PHE B 373 1.40 -10.87 -12.19
C PHE B 373 1.74 -9.43 -11.85
N GLY B 374 2.32 -8.71 -12.80
CA GLY B 374 2.73 -7.35 -12.55
C GLY B 374 2.31 -6.43 -13.67
N ASP B 375 2.76 -5.18 -13.57
CA ASP B 375 2.35 -4.11 -14.44
C ASP B 375 2.11 -2.99 -13.48
N ARG B 382 -1.74 -0.63 -25.03
CA ARG B 382 -1.76 -2.10 -25.08
C ARG B 382 -2.59 -2.63 -23.93
N GLN B 383 -3.89 -2.82 -24.18
CA GLN B 383 -4.91 -2.92 -23.13
C GLN B 383 -4.96 -4.23 -22.34
N GLY B 384 -5.25 -4.11 -21.05
CA GLY B 384 -5.19 -5.23 -20.13
C GLY B 384 -6.51 -5.76 -19.58
N TRP B 385 -6.50 -7.05 -19.26
CA TRP B 385 -7.67 -7.81 -18.83
C TRP B 385 -8.08 -7.52 -17.38
N ARG B 386 -9.32 -7.79 -17.03
CA ARG B 386 -9.69 -7.77 -15.63
C ARG B 386 -9.27 -9.10 -15.01
N THR B 387 -9.23 -9.17 -13.69
CA THR B 387 -8.59 -10.31 -13.05
C THR B 387 -9.42 -10.92 -11.94
N PHE B 388 -9.59 -12.22 -12.00
CA PHE B 388 -10.18 -12.98 -10.92
C PHE B 388 -9.04 -13.80 -10.34
N LEU B 389 -8.68 -13.50 -9.09
CA LEU B 389 -7.58 -14.22 -8.44
C LEU B 389 -8.10 -15.33 -7.52
N VAL B 390 -7.55 -16.51 -7.72
CA VAL B 390 -7.95 -17.63 -6.89
C VAL B 390 -6.95 -17.79 -5.77
N ILE B 391 -7.46 -17.91 -4.55
CA ILE B 391 -6.62 -18.05 -3.37
C ILE B 391 -7.16 -19.15 -2.50
N PRO B 392 -6.69 -20.39 -2.71
CA PRO B 392 -7.19 -21.59 -2.02
C PRO B 392 -7.15 -21.48 -0.52
N GLU B 393 -6.10 -20.88 0.02
CA GLU B 393 -5.95 -20.75 1.46
C GLU B 393 -7.08 -19.98 2.10
N LEU B 394 -7.88 -19.31 1.28
CA LEU B 394 -8.89 -18.41 1.80
C LEU B 394 -9.95 -19.15 2.59
N ALA B 395 -10.24 -20.38 2.17
CA ALA B 395 -11.22 -21.19 2.88
C ALA B 395 -10.77 -21.43 4.31
N GLN B 396 -9.50 -21.77 4.51
CA GLN B 396 -9.06 -21.99 5.89
C GLN B 396 -8.93 -20.65 6.60
N GLU B 397 -8.41 -19.64 5.90
CA GLU B 397 -8.34 -18.28 6.43
C GLU B 397 -9.69 -17.78 6.97
N LEU B 398 -10.75 -18.04 6.22
CA LEU B 398 -12.10 -17.67 6.62
C LEU B 398 -12.62 -18.52 7.79
N HIS B 399 -12.17 -19.78 7.85
CA HIS B 399 -12.60 -20.70 8.89
C HIS B 399 -12.20 -20.14 10.25
N VAL B 400 -10.94 -19.76 10.39
CA VAL B 400 -10.42 -19.19 11.64
C VAL B 400 -11.18 -17.93 12.04
N TRP B 401 -11.44 -17.09 11.05
CA TRP B 401 -12.21 -15.86 11.20
C TRP B 401 -13.64 -16.10 11.65
N THR B 402 -14.01 -17.37 11.75
CA THR B 402 -15.37 -17.74 12.13
C THR B 402 -15.42 -18.71 13.31
N ASP B 403 -14.60 -19.76 13.28
CA ASP B 403 -14.69 -20.74 14.36
C ASP B 403 -13.92 -20.26 15.57
N LYS B 404 -13.46 -19.02 15.54
CA LYS B 404 -12.72 -18.48 16.69
C LYS B 404 -13.28 -17.16 17.22
N SER B 405 -14.58 -16.93 17.03
CA SER B 405 -15.27 -15.75 17.56
C SER B 405 -14.90 -15.44 19.00
N SER B 406 -14.69 -16.46 19.81
CA SER B 406 -14.39 -16.25 21.21
C SER B 406 -13.06 -15.50 21.40
N LEU B 407 -12.05 -15.86 20.61
CA LEU B 407 -10.76 -15.20 20.74
C LEU B 407 -10.80 -13.75 20.24
N PHE B 408 -11.62 -13.49 19.22
CA PHE B 408 -11.71 -12.13 18.73
C PHE B 408 -12.42 -11.18 19.68
N GLU B 409 -13.47 -11.65 20.36
CA GLU B 409 -14.22 -10.74 21.18
C GLU B 409 -13.60 -10.69 22.55
N GLU B 410 -12.64 -11.57 22.82
CA GLU B 410 -11.77 -11.34 23.97
C GLU B 410 -10.85 -10.16 23.68
N LEU B 411 -10.15 -10.24 22.56
CA LEU B 411 -9.24 -9.16 22.15
C LEU B 411 -10.04 -7.88 22.09
N GLN B 412 -11.22 -7.94 21.49
CA GLN B 412 -12.12 -6.81 21.47
C GLN B 412 -12.30 -6.26 22.86
N SER B 413 -12.70 -7.14 23.74
CA SER B 413 -13.05 -6.77 25.09
C SER B 413 -11.81 -6.25 25.78
N LEU B 414 -10.70 -6.92 25.54
CA LEU B 414 -9.44 -6.53 26.16
C LEU B 414 -9.05 -5.12 25.75
N ASP B 415 -9.42 -4.77 24.53
CA ASP B 415 -9.08 -3.45 24.02
C ASP B 415 -9.95 -2.36 24.62
N ILE B 416 -11.24 -2.62 24.63
CA ILE B 416 -12.21 -1.81 25.35
C ILE B 416 -11.69 -1.43 26.72
N PHE B 417 -11.15 -2.42 27.42
CA PHE B 417 -10.73 -2.28 28.79
C PHE B 417 -9.64 -1.23 28.92
N LEU B 418 -8.71 -1.25 27.98
CA LEU B 418 -7.67 -0.26 27.97
C LEU B 418 -8.25 1.12 27.82
N ALA B 419 -9.11 1.30 26.82
CA ALA B 419 -9.76 2.58 26.57
C ALA B 419 -10.30 3.19 27.87
N GLU B 420 -10.78 2.35 28.79
CA GLU B 420 -11.35 2.81 30.06
C GLU B 420 -10.28 3.30 30.99
N LEU B 421 -9.19 2.54 31.09
CA LEU B 421 -8.10 2.86 31.98
C LEU B 421 -7.47 4.21 31.70
N TYR B 422 -7.69 4.76 30.50
CA TYR B 422 -7.11 6.03 30.07
C TYR B 422 -8.18 7.08 29.79
N LYS B 423 -9.42 6.69 30.02
CA LYS B 423 -10.61 7.43 29.60
C LYS B 423 -10.62 8.88 30.10
N HIS B 424 -10.51 9.04 31.41
CA HIS B 424 -10.53 10.38 31.98
C HIS B 424 -9.12 10.90 32.18
N LEU B 425 -8.21 10.61 31.26
CA LEU B 425 -6.86 11.11 31.41
C LEU B 425 -6.44 11.98 30.24
N ASP B 426 -5.46 12.84 30.51
CA ASP B 426 -4.92 13.76 29.53
C ASP B 426 -3.46 14.09 29.91
N SER B 427 -2.89 15.11 29.27
CA SER B 427 -1.46 15.42 29.44
C SER B 427 -1.11 16.01 30.80
N SER B 428 -2.13 16.37 31.57
CA SER B 428 -1.93 16.83 32.94
C SER B 428 -1.79 15.65 33.91
N SER B 429 -2.36 14.49 33.55
CA SER B 429 -2.43 13.36 34.48
C SER B 429 -1.08 12.80 34.80
N ASN B 430 -0.92 12.31 36.02
CA ASN B 430 0.33 11.72 36.47
C ASN B 430 0.21 10.19 36.47
N GLU B 431 -1.00 9.70 36.26
CA GLU B 431 -1.29 8.28 36.30
C GLU B 431 -0.54 7.49 35.24
N ARG B 432 0.17 6.45 35.68
CA ARG B 432 0.72 5.42 34.79
C ARG B 432 0.08 4.07 35.08
N PRO B 433 -1.21 3.88 34.70
CA PRO B 433 -1.91 2.63 35.02
C PRO B 433 -1.15 1.39 34.54
N ASP B 434 -0.92 0.44 35.44
CA ASP B 434 -0.22 -0.79 35.07
C ASP B 434 -1.13 -1.67 34.23
N ILE B 435 -0.71 -1.84 32.98
CA ILE B 435 -1.49 -2.56 32.00
C ILE B 435 -0.74 -3.80 31.49
N SER B 436 0.34 -4.18 32.17
CA SER B 436 1.22 -5.23 31.68
C SER B 436 0.61 -6.64 31.71
N SER B 437 -0.37 -6.86 32.58
CA SER B 437 -1.04 -8.14 32.59
C SER B 437 -1.97 -8.20 31.38
N ILE B 438 -2.66 -7.08 31.14
CA ILE B 438 -3.48 -6.93 29.93
C ILE B 438 -2.61 -7.12 28.69
N GLN B 439 -1.47 -6.41 28.64
CA GLN B 439 -0.54 -6.52 27.53
C GLN B 439 -0.18 -7.98 27.32
N ARG B 440 0.32 -8.63 28.36
CA ARG B 440 0.80 -10.00 28.22
C ARG B 440 -0.34 -10.93 27.80
N ARG B 441 -1.56 -10.68 28.30
CA ARG B 441 -2.72 -11.46 27.92
C ARG B 441 -3.07 -11.26 26.44
N ILE B 442 -2.98 -10.04 25.96
CA ILE B 442 -3.26 -9.74 24.57
C ILE B 442 -2.26 -10.51 23.70
N LYS B 443 -0.99 -10.48 24.10
CA LYS B 443 0.06 -11.14 23.30
C LYS B 443 -0.16 -12.64 23.15
N LYS B 444 -0.70 -13.25 24.20
CA LYS B 444 -0.93 -14.69 24.21
C LYS B 444 -2.15 -15.05 23.35
N VAL B 445 -3.21 -14.27 23.46
CA VAL B 445 -4.42 -14.55 22.70
C VAL B 445 -4.14 -14.43 21.20
N THR B 446 -3.34 -13.45 20.79
CA THR B 446 -3.03 -13.30 19.38
C THR B 446 -2.11 -14.42 18.96
N HIS B 447 -1.19 -14.81 19.84
CA HIS B 447 -0.31 -15.94 19.55
C HIS B 447 -1.11 -17.22 19.34
N ASP B 448 -2.11 -17.44 20.18
CA ASP B 448 -2.93 -18.61 20.05
C ASP B 448 -3.69 -18.52 18.73
N MET B 449 -4.13 -17.31 18.39
CA MET B 449 -4.86 -17.06 17.18
C MET B 449 -3.99 -17.32 15.96
N ASP B 450 -2.75 -16.83 15.98
CA ASP B 450 -1.82 -17.13 14.90
C ASP B 450 -1.75 -18.64 14.65
N MET B 451 -1.49 -19.40 15.71
CA MET B 451 -1.24 -20.85 15.60
C MET B 451 -2.34 -21.59 14.84
N CYS B 452 -3.54 -21.03 14.86
CA CYS B 452 -4.65 -21.60 14.09
C CYS B 452 -4.37 -21.54 12.60
N TYR B 453 -3.54 -20.59 12.18
CA TYR B 453 -3.27 -20.42 10.77
C TYR B 453 -2.18 -21.37 10.32
N GLY B 454 -1.08 -21.33 11.05
CA GLY B 454 0.05 -22.18 10.74
C GLY B 454 1.11 -21.60 11.64
N MET B 455 2.37 -21.94 11.43
CA MET B 455 3.32 -21.31 12.31
C MET B 455 3.88 -19.99 11.77
N MET B 456 3.63 -19.65 10.51
CA MET B 456 3.97 -18.32 10.04
C MET B 456 2.72 -17.44 10.03
N GLY B 457 1.65 -17.93 10.64
CA GLY B 457 0.48 -17.10 10.83
C GLY B 457 -0.33 -16.88 9.58
N SER B 458 -1.27 -15.94 9.64
CA SER B 458 -2.16 -15.71 8.53
C SER B 458 -1.43 -15.20 7.30
N LEU B 459 -1.88 -15.68 6.15
CA LEU B 459 -1.40 -15.23 4.87
C LEU B 459 -1.57 -13.70 4.67
N PHE B 460 -2.63 -13.13 5.21
CA PHE B 460 -2.95 -11.75 4.91
C PHE B 460 -2.53 -10.78 6.00
N ARG B 461 -2.67 -11.19 7.24
CA ARG B 461 -2.38 -10.25 8.30
C ARG B 461 -1.62 -10.89 9.45
N SER B 462 -0.93 -10.04 10.20
CA SER B 462 -0.27 -10.47 11.40
C SER B 462 -0.38 -9.30 12.37
N GLY B 463 -1.09 -9.50 13.45
CA GLY B 463 -1.40 -8.39 14.35
C GLY B 463 -2.28 -7.36 13.69
N SER B 464 -1.92 -6.10 13.82
CA SER B 464 -2.76 -5.08 13.24
C SER B 464 -2.47 -4.99 11.76
N ARG B 465 -1.31 -5.51 11.35
CA ARG B 465 -0.80 -5.23 10.01
C ARG B 465 -1.17 -6.21 8.90
N GLN B 466 -1.29 -5.68 7.68
CA GLN B 466 -1.46 -6.50 6.51
C GLN B 466 -0.16 -7.01 5.95
N THR B 467 -0.15 -8.22 5.43
CA THR B 467 1.07 -8.74 4.83
C THR B 467 1.39 -8.11 3.50
N LEU B 468 2.62 -8.28 3.07
CA LEU B 468 2.96 -7.91 1.70
C LEU B 468 2.07 -8.70 0.70
N PHE B 469 1.64 -9.90 1.11
CA PHE B 469 0.84 -10.71 0.21
C PHE B 469 -0.51 -10.07 0.04
N ALA B 470 -1.06 -9.60 1.13
CA ALA B 470 -2.37 -8.98 1.11
C ALA B 470 -2.33 -7.75 0.21
N SER B 471 -1.22 -7.04 0.21
CA SER B 471 -1.18 -5.81 -0.55
C SER B 471 -1.04 -6.10 -2.03
N GLN B 472 -0.34 -7.17 -2.37
CA GLN B 472 -0.26 -7.60 -3.76
C GLN B 472 -1.65 -7.99 -4.31
N VAL B 473 -2.45 -8.67 -3.50
CA VAL B 473 -3.78 -9.06 -3.90
C VAL B 473 -4.60 -7.82 -4.24
N MET B 474 -4.71 -6.91 -3.26
CA MET B 474 -5.46 -5.67 -3.43
C MET B 474 -4.97 -4.83 -4.62
N ARG B 475 -3.70 -4.98 -4.98
CA ARG B 475 -3.19 -4.41 -6.20
C ARG B 475 -3.64 -5.23 -7.44
N TYR B 476 -3.18 -6.47 -7.58
CA TYR B 476 -3.35 -7.18 -8.82
C TYR B 476 -4.78 -7.69 -9.09
N ALA B 477 -5.57 -7.92 -8.04
CA ALA B 477 -6.85 -8.62 -8.26
C ALA B 477 -8.07 -7.70 -8.23
N ASP B 478 -8.88 -7.74 -9.29
CA ASP B 478 -10.17 -7.04 -9.27
C ASP B 478 -11.13 -7.84 -8.38
N LEU B 479 -11.17 -9.15 -8.64
CA LEU B 479 -11.99 -10.08 -7.87
C LEU B 479 -11.13 -11.12 -7.19
N TYR B 480 -11.51 -11.60 -6.02
CA TYR B 480 -10.86 -12.82 -5.55
C TYR B 480 -11.79 -13.67 -4.69
N ALA B 481 -11.48 -14.96 -4.65
CA ALA B 481 -12.24 -15.94 -3.87
C ALA B 481 -11.39 -17.18 -3.68
N ALA B 482 -11.92 -18.12 -2.91
CA ALA B 482 -11.21 -19.36 -2.61
C ALA B 482 -11.11 -20.27 -3.84
N SER B 483 -12.21 -20.38 -4.55
CA SER B 483 -12.24 -21.09 -5.82
C SER B 483 -13.04 -20.26 -6.80
N PHE B 484 -12.70 -20.36 -8.08
CA PHE B 484 -13.44 -19.66 -9.12
C PHE B 484 -14.84 -20.26 -9.25
N ILE B 485 -15.08 -21.42 -8.63
CA ILE B 485 -16.39 -22.05 -8.71
C ILE B 485 -17.47 -21.20 -8.04
N ASN B 486 -17.06 -20.29 -7.16
CA ASN B 486 -18.02 -19.48 -6.42
C ASN B 486 -18.82 -18.55 -7.37
N LEU B 487 -18.35 -18.40 -8.61
CA LEU B 487 -19.11 -17.67 -9.63
C LEU B 487 -20.43 -18.35 -9.97
N LEU B 488 -20.50 -19.64 -9.65
CA LEU B 488 -21.73 -20.39 -9.83
C LEU B 488 -22.87 -19.74 -9.05
N TYR B 489 -22.52 -19.05 -7.96
CA TYR B 489 -23.52 -18.50 -7.07
C TYR B 489 -23.94 -17.05 -7.34
N TYR B 490 -23.47 -16.48 -8.45
CA TYR B 490 -23.80 -15.12 -8.85
C TYR B 490 -24.29 -15.08 -10.29
N PRO B 491 -25.24 -14.20 -10.63
CA PRO B 491 -25.69 -14.10 -12.01
C PRO B 491 -24.71 -13.34 -12.91
N PHE B 492 -24.80 -13.53 -14.22
CA PHE B 492 -23.88 -12.89 -15.15
C PHE B 492 -24.32 -11.46 -15.42
N SER B 493 -25.36 -11.05 -14.68
CA SER B 493 -25.85 -9.68 -14.68
C SER B 493 -25.42 -9.00 -13.38
N TYR B 494 -24.70 -9.73 -12.54
CA TYR B 494 -24.27 -9.17 -11.27
C TYR B 494 -23.30 -8.01 -11.49
N LEU B 495 -23.37 -7.04 -10.60
CA LEU B 495 -22.44 -5.93 -10.57
C LEU B 495 -21.64 -6.00 -9.27
N PHE B 496 -20.36 -6.31 -9.35
CA PHE B 496 -19.54 -6.37 -8.15
C PHE B 496 -19.10 -4.98 -7.75
N ARG B 497 -19.46 -4.60 -6.51
CA ARG B 497 -19.06 -3.32 -5.95
C ARG B 497 -17.93 -3.48 -4.93
N ALA B 498 -16.83 -2.77 -5.16
CA ALA B 498 -15.66 -2.81 -4.28
C ALA B 498 -15.93 -2.52 -2.81
N ALA B 499 -15.33 -3.29 -1.91
CA ALA B 499 -15.40 -2.92 -0.50
C ALA B 499 -14.48 -1.74 -0.29
N HIS B 500 -14.85 -0.86 0.65
CA HIS B 500 -14.06 0.32 0.98
C HIS B 500 -13.00 -0.06 1.98
N VAL B 501 -11.73 0.04 1.62
CA VAL B 501 -10.69 -0.17 2.62
C VAL B 501 -10.44 1.11 3.42
N LEU B 502 -10.75 1.12 4.71
CA LEU B 502 -10.73 2.39 5.47
C LEU B 502 -9.42 2.74 6.18
N MET B 503 -9.06 4.03 6.15
CA MET B 503 -7.95 4.49 6.97
C MET B 503 -8.42 4.57 8.42
N PRO B 504 -7.49 4.53 9.38
CA PRO B 504 -7.85 4.65 10.80
C PRO B 504 -8.88 5.74 11.11
N HIS B 505 -8.70 6.95 10.55
CA HIS B 505 -9.63 8.04 10.85
C HIS B 505 -10.98 7.80 10.24
N GLU B 506 -11.06 6.92 9.25
CA GLU B 506 -12.37 6.57 8.71
C GLU B 506 -13.08 5.48 9.52
N SER B 507 -12.33 4.49 10.00
CA SER B 507 -12.96 3.34 10.60
C SER B 507 -13.30 3.57 12.06
N THR B 508 -12.67 4.56 12.67
CA THR B 508 -12.87 4.79 14.09
C THR B 508 -13.64 6.07 14.35
N VAL B 509 -14.27 6.59 13.29
CA VAL B 509 -15.05 7.81 13.38
C VAL B 509 -16.40 7.63 12.69
N GLU B 510 -17.49 7.72 13.46
CA GLU B 510 -18.84 7.55 12.93
C GLU B 510 -19.50 8.83 12.41
N HIS B 511 -20.47 8.68 11.52
CA HIS B 511 -21.33 9.80 11.13
C HIS B 511 -22.56 9.70 12.05
C1 GOL C . -12.35 11.76 5.46
O1 GOL C . -13.51 12.43 4.99
C2 GOL C . -11.98 10.61 4.52
O2 GOL C . -10.70 10.86 4.02
C3 GOL C . -12.97 10.55 3.37
O3 GOL C . -12.96 9.26 2.78
C1 GOL D . -6.55 1.70 22.31
O1 GOL D . -6.44 0.43 22.91
C2 GOL D . -6.65 2.79 23.38
O2 GOL D . -8.02 3.06 23.59
C3 GOL D . -6.01 2.40 24.71
O3 GOL D . -4.60 2.46 24.68
S SO4 E . 10.63 23.17 8.50
O1 SO4 E . 10.35 23.65 9.85
O2 SO4 E . 11.58 22.06 8.52
O3 SO4 E . 9.37 22.72 7.88
O4 SO4 E . 11.18 24.26 7.68
S SO4 F . -13.77 2.88 -19.77
O1 SO4 F . -13.01 2.13 -18.78
O2 SO4 F . -12.95 3.12 -20.97
O3 SO4 F . -14.91 2.06 -20.20
O4 SO4 F . -14.21 4.15 -19.17
S SO4 G . -9.41 18.92 1.29
O1 SO4 G . -8.90 20.05 2.10
O2 SO4 G . -9.03 17.65 1.91
O3 SO4 G . -8.88 18.99 -0.08
O4 SO4 G . -10.87 18.98 1.27
S SO4 H . 32.33 20.88 14.56
O1 SO4 H . 32.45 19.55 15.18
O2 SO4 H . 33.51 21.72 14.89
O3 SO4 H . 32.26 20.70 13.11
O4 SO4 H . 31.09 21.51 15.02
S SO4 I . 22.32 31.48 8.84
O1 SO4 I . 21.68 31.00 10.09
O2 SO4 I . 23.79 31.43 8.92
O3 SO4 I . 21.87 30.61 7.73
O4 SO4 I . 21.96 32.88 8.61
S SO4 J . 10.43 16.32 -13.16
O1 SO4 J . 11.27 15.28 -12.56
O2 SO4 J . 11.20 17.58 -13.23
O3 SO4 J . 9.19 16.52 -12.39
O4 SO4 J . 10.07 15.87 -14.50
S SO4 K . -16.34 -7.17 10.82
O1 SO4 K . -15.41 -8.28 10.68
O2 SO4 K . -16.61 -6.99 12.25
O3 SO4 K . -17.56 -7.48 10.06
O4 SO4 K . -15.75 -5.91 10.31
MG MG L . 7.57 21.46 7.65
MG MG M . -4.80 23.62 3.89
CAK 53O N . 0.61 -3.27 21.31
CAD 53O N . 0.82 -3.05 22.62
NAO 53O N . -0.10 -3.72 23.28
CAL 53O N . -0.88 -4.36 22.39
NBC 53O N . -0.46 -4.05 21.16
CAY 53O N . -0.86 -4.48 19.97
CAN 53O N . -0.06 -4.15 18.88
CAI 53O N . -1.98 -5.29 19.76
CAC 53O N . -2.30 -5.74 18.48
CAH 53O N . -1.48 -5.41 17.40
CAX 53O N . -0.34 -4.64 17.62
CAW 53O N . 0.51 -4.24 16.61
CAM 53O N . 1.41 -3.21 16.89
CAG 53O N . 0.43 -4.77 15.34
CAB 53O N . 1.32 -4.31 14.37
CAF 53O N . 2.23 -3.27 14.65
CAV 53O N . 2.28 -2.72 15.92
C1 GOL O . -6.83 -12.00 7.84
O1 GOL O . -6.92 -11.88 9.24
C2 GOL O . -7.98 -12.86 7.39
O2 GOL O . -7.63 -13.53 6.21
C3 GOL O . -8.20 -13.85 8.53
O3 GOL O . -9.13 -14.83 8.18
C1 GOL P . -23.87 -4.31 -4.51
O1 GOL P . -22.75 -4.50 -3.67
C2 GOL P . -24.80 -5.53 -4.46
O2 GOL P . -24.41 -6.40 -3.44
C3 GOL P . -24.73 -6.29 -5.77
O3 GOL P . -24.40 -5.39 -6.80
S SO4 Q . -0.78 -22.57 -15.85
O1 SO4 Q . -1.04 -22.41 -14.42
O2 SO4 Q . 0.12 -23.72 -16.05
O3 SO4 Q . -2.09 -22.76 -16.48
O4 SO4 Q . -0.15 -21.41 -16.46
S SO4 R . 12.61 -3.46 19.83
O1 SO4 R . 11.97 -2.93 21.04
O2 SO4 R . 14.06 -3.35 19.97
O3 SO4 R . 12.21 -4.86 19.66
O4 SO4 R . 12.21 -2.63 18.70
S SO4 S . 8.45 -23.29 -10.54
O1 SO4 S . 9.65 -23.08 -9.72
O2 SO4 S . 8.15 -24.73 -10.62
O3 SO4 S . 8.65 -22.81 -11.91
O4 SO4 S . 7.33 -22.57 -9.91
S SO4 T . -17.48 3.63 10.18
O1 SO4 T . -18.23 2.66 10.99
O2 SO4 T . -16.24 3.94 10.89
O3 SO4 T . -18.28 4.85 10.02
O4 SO4 T . -17.19 3.07 8.86
MG MG U . -1.56 -21.44 -12.69
MG MG V . -5.44 -5.65 -13.13
CAK 53O W . -19.65 1.33 -9.74
CAD 53O W . -20.82 1.23 -10.38
NAO 53O W . -21.75 1.69 -9.56
CAL 53O W . -21.16 2.05 -8.41
NBC 53O W . -19.86 1.82 -8.53
CAY 53O W . -18.84 2.00 -7.68
CAN 53O W . -17.59 1.70 -8.19
CAI 53O W . -18.92 2.52 -6.40
CAC 53O W . -17.77 2.65 -5.63
CAH 53O W . -16.51 2.29 -6.14
CAX 53O W . -16.45 1.78 -7.42
CAW 53O W . -15.27 1.41 -8.06
CAM 53O W . -15.26 1.33 -9.45
CAG 53O W . -14.10 1.25 -7.36
CAB 53O W . -12.93 0.88 -8.03
CAF 53O W . -12.94 0.77 -9.41
CAV 53O W . -14.11 0.99 -10.13
#